data_2YJP
#
_entry.id   2YJP
#
_cell.length_a   58.710
_cell.length_b   91.590
_cell.length_c   158.300
_cell.angle_alpha   90.00
_cell.angle_beta   90.00
_cell.angle_gamma   90.00
#
_symmetry.space_group_name_H-M   'P 21 21 21'
#
loop_
_entity.id
_entity.type
_entity.pdbx_description
1 polymer 'PUTATIVE ABC TRANSPORTER, PERIPLASMIC BINDING PROTEIN, AMINO ACID'
2 non-polymer CYSTEINE
3 non-polymer 'ZINC ION'
4 non-polymer 1,2-ETHANEDIOL
5 water water
#
_entity_poly.entity_id   1
_entity_poly.type   'polypeptide(L)'
_entity_poly.pdbx_seq_one_letter_code
;MGHHHHHHHHHHSSGHIDDDDKHMVGLTAAGGGSGDAQSSQSSGAATVAAIKEKGVIRIGVFGDKPPFGYVDANGKNQGF
DVEIAKDLAKDLLGSPDKVEFVLTEAANRVEYVRSGKVDLILANFTQTPERAEAVDFADPYMKVALGVVSPKNKPITDMA
QLKDQTLLVNKGTTADAFFTKSHPEVKLLKFDQNTETFDALKDGRGVALAHDNALLWAWAKENPNFEVAIGNLGPAEFIA
PAVQKGNADLLNWVNGEIAAMKKDGRLKAAYEKTLLPVYGEKVKPEALLAE
;
_entity_poly.pdbx_strand_id   A,B,C
#
loop_
_chem_comp.id
_chem_comp.type
_chem_comp.name
_chem_comp.formula
EDO non-polymer 1,2-ETHANEDIOL 'C2 H6 O2'
ZN non-polymer 'ZINC ION' 'Zn 2'
#
# COMPACT_ATOMS: atom_id res chain seq x y z
N ALA A 45 -20.20 -3.64 11.79
CA ALA A 45 -20.59 -2.27 12.27
C ALA A 45 -19.80 -1.79 13.50
N ALA A 46 -19.21 -2.70 14.28
CA ALA A 46 -19.43 -4.17 14.27
C ALA A 46 -20.37 -4.48 15.42
N THR A 47 -21.65 -4.18 15.23
CA THR A 47 -22.65 -4.39 16.27
C THR A 47 -23.07 -5.88 16.33
N VAL A 48 -23.73 -6.25 17.41
CA VAL A 48 -24.32 -7.57 17.55
C VAL A 48 -25.14 -7.89 16.29
N ALA A 49 -26.13 -7.06 15.98
CA ALA A 49 -26.95 -7.29 14.81
C ALA A 49 -26.13 -7.41 13.52
N ALA A 50 -25.15 -6.53 13.33
CA ALA A 50 -24.37 -6.56 12.08
C ALA A 50 -23.59 -7.87 11.95
N ILE A 51 -23.05 -8.35 13.06
CA ILE A 51 -22.33 -9.59 13.05
C ILE A 51 -23.24 -10.78 12.84
N LYS A 52 -24.46 -10.75 13.40
CA LYS A 52 -25.41 -11.86 13.21
C LYS A 52 -25.72 -11.94 11.73
N GLU A 53 -25.73 -10.79 11.05
CA GLU A 53 -26.11 -10.72 9.65
C GLU A 53 -25.03 -11.32 8.75
N LYS A 54 -23.80 -11.00 9.04
CA LYS A 54 -22.70 -11.67 8.36
C LYS A 54 -22.57 -13.16 8.64
N GLY A 55 -23.06 -13.65 9.79
CA GLY A 55 -22.95 -15.07 10.10
C GLY A 55 -21.58 -15.56 10.56
N VAL A 56 -20.65 -14.63 10.79
CA VAL A 56 -19.30 -14.95 11.18
C VAL A 56 -18.71 -13.77 11.98
N ILE A 57 -17.96 -14.10 13.04
CA ILE A 57 -17.30 -13.06 13.79
C ILE A 57 -15.82 -13.11 13.53
N ARG A 58 -15.25 -11.97 13.13
N ARG A 58 -15.25 -11.97 13.16
CA ARG A 58 -13.81 -11.85 12.94
CA ARG A 58 -13.81 -11.87 12.90
C ARG A 58 -13.14 -11.55 14.26
C ARG A 58 -13.06 -11.53 14.19
N ILE A 59 -12.29 -12.50 14.69
CA ILE A 59 -11.55 -12.36 15.97
C ILE A 59 -10.03 -12.43 15.88
N GLY A 60 -9.38 -11.35 16.37
CA GLY A 60 -7.92 -11.22 16.42
C GLY A 60 -7.37 -12.07 17.56
N VAL A 61 -6.40 -12.94 17.22
CA VAL A 61 -5.76 -13.86 18.18
C VAL A 61 -4.32 -14.02 17.84
N PHE A 62 -3.54 -14.52 18.81
CA PHE A 62 -2.15 -14.91 18.54
C PHE A 62 -2.01 -16.22 17.78
N GLY A 63 -1.01 -16.27 16.88
CA GLY A 63 -0.61 -17.49 16.28
C GLY A 63 0.54 -18.20 16.95
N ASP A 64 1.23 -17.54 17.87
CA ASP A 64 2.50 -18.08 18.37
C ASP A 64 2.71 -17.76 19.85
N LYS A 65 1.62 -17.72 20.61
CA LYS A 65 1.72 -17.46 22.02
C LYS A 65 1.08 -18.62 22.83
N PRO A 66 1.55 -19.84 22.60
CA PRO A 66 0.96 -20.90 23.38
C PRO A 66 1.34 -20.67 24.87
N PRO A 67 0.43 -20.99 25.80
CA PRO A 67 -0.83 -21.67 25.63
C PRO A 67 -2.05 -20.79 25.48
N PHE A 68 -1.88 -19.52 25.14
CA PHE A 68 -2.99 -18.58 25.05
C PHE A 68 -3.66 -18.52 23.68
N GLY A 69 -2.82 -18.46 22.64
CA GLY A 69 -3.27 -18.44 21.26
C GLY A 69 -2.17 -18.94 20.39
N TYR A 70 -2.46 -20.02 19.67
CA TYR A 70 -1.46 -20.63 18.75
C TYR A 70 -2.16 -21.47 17.72
N VAL A 71 -1.37 -22.10 16.87
CA VAL A 71 -1.84 -22.92 15.80
C VAL A 71 -1.22 -24.30 15.98
N ASP A 72 -2.03 -25.37 16.00
CA ASP A 72 -1.47 -26.70 16.20
C ASP A 72 -0.86 -27.33 14.93
N ALA A 73 -0.37 -28.54 15.04
CA ALA A 73 0.19 -29.25 13.89
C ALA A 73 -0.85 -29.50 12.77
N ASN A 74 -2.13 -29.43 13.08
CA ASN A 74 -3.14 -29.63 12.04
C ASN A 74 -3.58 -28.30 11.41
N GLY A 75 -2.90 -27.21 11.78
CA GLY A 75 -3.29 -25.86 11.32
C GLY A 75 -4.54 -25.29 12.00
N LYS A 76 -4.94 -25.85 13.14
CA LYS A 76 -6.11 -25.36 13.90
C LYS A 76 -5.72 -24.37 15.03
N ASN A 77 -6.43 -23.27 15.16
CA ASN A 77 -6.27 -22.37 16.28
C ASN A 77 -6.61 -23.08 17.61
N GLN A 78 -5.78 -22.84 18.64
CA GLN A 78 -5.95 -23.48 19.93
C GLN A 78 -5.47 -22.47 21.00
N GLY A 79 -5.76 -22.79 22.27
CA GLY A 79 -5.31 -22.04 23.39
C GLY A 79 -6.43 -21.41 24.18
N PHE A 80 -6.06 -20.85 25.32
CA PHE A 80 -7.02 -20.30 26.24
C PHE A 80 -7.90 -19.19 25.62
N ASP A 81 -7.31 -18.21 24.95
CA ASP A 81 -8.06 -17.11 24.34
C ASP A 81 -9.03 -17.63 23.23
N VAL A 82 -8.58 -18.64 22.50
CA VAL A 82 -9.35 -19.24 21.40
C VAL A 82 -10.57 -19.98 21.95
N GLU A 83 -10.41 -20.64 23.09
CA GLU A 83 -11.53 -21.33 23.68
C GLU A 83 -12.63 -20.31 24.01
N ILE A 84 -12.22 -19.16 24.58
CA ILE A 84 -13.13 -18.10 24.95
C ILE A 84 -13.79 -17.59 23.66
N ALA A 85 -12.99 -17.48 22.60
CA ALA A 85 -13.54 -16.99 21.34
C ALA A 85 -14.63 -17.95 20.79
N LYS A 86 -14.40 -19.25 20.95
CA LYS A 86 -15.31 -20.27 20.41
C LYS A 86 -16.63 -20.27 21.18
N ASP A 87 -16.51 -20.03 22.49
CA ASP A 87 -17.67 -19.90 23.36
C ASP A 87 -18.55 -18.70 22.98
N LEU A 88 -17.91 -17.56 22.73
CA LEU A 88 -18.59 -16.36 22.28
C LEU A 88 -19.30 -16.57 20.95
N ALA A 89 -18.63 -17.20 19.99
CA ALA A 89 -19.24 -17.51 18.68
C ALA A 89 -20.45 -18.48 18.78
N LYS A 90 -20.30 -19.52 19.60
CA LYS A 90 -21.40 -20.40 19.84
C LYS A 90 -22.64 -19.62 20.37
N ASP A 91 -22.43 -18.72 21.35
CA ASP A 91 -23.58 -17.99 21.92
C ASP A 91 -24.13 -16.99 20.91
N LEU A 92 -23.25 -16.34 20.17
CA LEU A 92 -23.66 -15.28 19.29
C LEU A 92 -24.29 -15.82 18.01
N LEU A 93 -23.70 -16.88 17.47
CA LEU A 93 -23.95 -17.33 16.14
C LEU A 93 -24.52 -18.72 16.06
N GLY A 94 -24.43 -19.48 17.15
CA GLY A 94 -25.10 -20.80 17.18
C GLY A 94 -24.09 -21.92 17.01
N SER A 95 -22.84 -21.57 16.70
CA SER A 95 -21.81 -22.60 16.49
C SER A 95 -20.39 -22.09 16.76
N PRO A 96 -19.59 -22.84 17.52
CA PRO A 96 -18.22 -22.35 17.76
C PRO A 96 -17.36 -22.29 16.47
N ASP A 97 -17.82 -22.88 15.38
CA ASP A 97 -17.06 -22.82 14.12
C ASP A 97 -17.28 -21.53 13.31
N LYS A 98 -18.11 -20.63 13.84
CA LYS A 98 -18.44 -19.38 13.14
C LYS A 98 -17.47 -18.23 13.50
N VAL A 99 -16.27 -18.56 13.94
CA VAL A 99 -15.28 -17.54 14.10
C VAL A 99 -14.39 -17.60 12.89
N GLU A 100 -14.13 -16.46 12.26
CA GLU A 100 -12.95 -16.27 11.41
C GLU A 100 -11.81 -15.76 12.33
N PHE A 101 -10.83 -16.63 12.64
CA PHE A 101 -9.63 -16.20 13.42
C PHE A 101 -8.56 -15.49 12.58
N VAL A 102 -8.11 -14.33 13.01
CA VAL A 102 -7.21 -13.53 12.25
C VAL A 102 -5.95 -13.42 13.12
N LEU A 103 -4.83 -13.90 12.60
CA LEU A 103 -3.62 -13.90 13.37
C LEU A 103 -3.09 -12.48 13.46
N THR A 104 -2.82 -12.06 14.67
CA THR A 104 -2.47 -10.67 14.90
C THR A 104 -1.14 -10.57 15.63
N GLU A 105 -0.13 -9.88 15.08
CA GLU A 105 1.04 -9.42 15.91
C GLU A 105 0.64 -8.53 17.11
N ALA A 106 1.46 -8.53 18.17
CA ALA A 106 1.16 -7.68 19.34
C ALA A 106 0.96 -6.25 18.91
N ALA A 107 1.86 -5.74 18.08
CA ALA A 107 1.81 -4.34 17.65
C ALA A 107 0.59 -3.97 16.76
N ASN A 108 -0.17 -4.94 16.27
CA ASN A 108 -1.24 -4.64 15.29
C ASN A 108 -2.61 -4.70 15.92
N ARG A 109 -2.66 -5.10 17.19
CA ARG A 109 -3.94 -5.34 17.85
C ARG A 109 -4.87 -4.12 17.81
N VAL A 110 -4.34 -2.95 18.18
CA VAL A 110 -5.10 -1.73 18.18
C VAL A 110 -5.55 -1.38 16.74
N GLU A 111 -4.61 -1.32 15.80
CA GLU A 111 -4.93 -1.03 14.41
C GLU A 111 -6.01 -1.94 13.77
N TYR A 112 -6.03 -3.22 14.13
CA TYR A 112 -6.86 -4.20 13.45
C TYR A 112 -8.28 -4.04 13.93
N VAL A 113 -8.42 -3.75 15.21
CA VAL A 113 -9.75 -3.53 15.78
C VAL A 113 -10.25 -2.14 15.40
N ARG A 114 -9.33 -1.18 15.35
CA ARG A 114 -9.71 0.19 15.02
C ARG A 114 -10.21 0.32 13.58
N SER A 115 -9.50 -0.31 12.65
CA SER A 115 -9.79 -0.18 11.24
C SER A 115 -10.93 -1.12 10.79
N GLY A 116 -11.46 -1.96 11.68
CA GLY A 116 -12.52 -2.88 11.29
C GLY A 116 -12.02 -4.20 10.74
N LYS A 117 -10.70 -4.41 10.72
CA LYS A 117 -10.20 -5.70 10.20
C LYS A 117 -10.67 -6.89 11.04
N VAL A 118 -10.82 -6.66 12.33
CA VAL A 118 -11.50 -7.60 13.20
C VAL A 118 -12.59 -6.93 14.03
N ASP A 119 -13.52 -7.77 14.53
CA ASP A 119 -14.65 -7.29 15.33
C ASP A 119 -14.28 -7.20 16.82
N LEU A 120 -13.28 -7.98 17.20
CA LEU A 120 -12.98 -8.23 18.56
C LEU A 120 -11.52 -8.70 18.63
N ILE A 121 -10.83 -8.26 19.68
CA ILE A 121 -9.45 -8.72 19.92
C ILE A 121 -9.49 -9.62 21.11
N LEU A 122 -9.00 -10.85 20.91
CA LEU A 122 -8.74 -11.77 22.01
C LEU A 122 -7.29 -12.24 21.87
N ALA A 123 -6.40 -11.35 21.42
CA ALA A 123 -4.99 -11.69 21.37
C ALA A 123 -4.35 -11.32 22.72
N ASN A 124 -4.61 -12.18 23.71
CA ASN A 124 -4.10 -12.06 25.09
C ASN A 124 -3.68 -10.64 25.51
N PHE A 125 -4.67 -9.75 25.61
CA PHE A 125 -4.48 -8.32 25.52
C PHE A 125 -4.57 -7.60 26.86
N THR A 126 -3.43 -7.09 27.33
CA THR A 126 -3.41 -6.49 28.65
C THR A 126 -4.07 -5.12 28.53
N GLN A 127 -5.00 -4.86 29.44
CA GLN A 127 -5.62 -3.56 29.60
C GLN A 127 -4.69 -2.59 30.28
N THR A 128 -4.48 -1.44 29.65
CA THR A 128 -3.74 -0.32 30.22
C THR A 128 -4.51 0.98 29.98
N PRO A 129 -4.25 2.01 30.81
CA PRO A 129 -4.90 3.30 30.56
C PRO A 129 -4.58 3.85 29.17
N GLU A 130 -3.32 3.69 28.69
CA GLU A 130 -2.98 4.25 27.36
C GLU A 130 -3.77 3.50 26.25
N ARG A 131 -3.82 2.18 26.34
CA ARG A 131 -4.53 1.41 25.33
C ARG A 131 -6.04 1.77 25.34
N ALA A 132 -6.56 2.03 26.53
CA ALA A 132 -7.97 2.32 26.73
C ALA A 132 -8.36 3.65 26.09
N GLU A 133 -7.40 4.50 25.75
CA GLU A 133 -7.63 5.67 24.90
C GLU A 133 -7.92 5.31 23.46
N ALA A 134 -7.45 4.16 23.01
CA ALA A 134 -7.54 3.80 21.61
C ALA A 134 -8.64 2.79 21.32
N VAL A 135 -8.96 1.95 22.32
CA VAL A 135 -9.96 0.87 22.14
C VAL A 135 -10.87 0.69 23.40
N ASP A 136 -11.99 -0.05 23.29
CA ASP A 136 -12.73 -0.32 24.51
C ASP A 136 -12.53 -1.75 24.99
N PHE A 137 -12.16 -1.88 26.26
CA PHE A 137 -11.95 -3.18 26.90
C PHE A 137 -13.20 -3.67 27.58
N ALA A 138 -13.61 -4.90 27.27
CA ALA A 138 -14.66 -5.58 28.06
C ALA A 138 -14.13 -6.07 29.40
N ASP A 139 -14.98 -6.66 30.20
CA ASP A 139 -14.60 -7.32 31.43
C ASP A 139 -13.42 -8.24 31.26
N PRO A 140 -12.43 -8.10 32.16
CA PRO A 140 -11.23 -8.96 32.15
C PRO A 140 -11.57 -10.41 32.40
N TYR A 141 -10.79 -11.29 31.78
CA TYR A 141 -10.87 -12.72 32.07
C TYR A 141 -9.62 -13.32 32.74
N MET A 142 -8.48 -12.63 32.64
CA MET A 142 -7.28 -13.09 33.35
C MET A 142 -6.38 -11.94 33.83
N LYS A 143 -5.37 -12.28 34.62
CA LYS A 143 -4.39 -11.32 35.09
C LYS A 143 -2.98 -11.85 34.85
N VAL A 144 -2.01 -10.95 34.74
CA VAL A 144 -0.67 -11.31 34.48
C VAL A 144 0.31 -10.18 34.87
N ALA A 145 1.49 -10.57 35.28
CA ALA A 145 2.57 -9.66 35.60
C ALA A 145 3.67 -9.95 34.57
N LEU A 146 4.60 -9.03 34.40
CA LEU A 146 5.77 -9.26 33.59
C LEU A 146 6.86 -10.00 34.36
N GLY A 147 7.70 -10.69 33.59
CA GLY A 147 8.87 -11.35 34.16
C GLY A 147 10.01 -11.28 33.17
N VAL A 148 11.17 -11.76 33.56
CA VAL A 148 12.32 -11.78 32.64
C VAL A 148 12.94 -13.16 32.60
N VAL A 149 13.19 -13.68 31.37
CA VAL A 149 13.83 -15.00 31.25
C VAL A 149 15.25 -14.87 30.69
N SER A 150 16.16 -15.74 31.18
CA SER A 150 17.56 -15.69 30.81
C SER A 150 18.20 -17.07 30.90
N PRO A 151 19.34 -17.28 30.23
CA PRO A 151 19.93 -18.63 30.35
C PRO A 151 20.35 -18.95 31.80
N LYS A 152 20.14 -20.20 32.24
CA LYS A 152 20.58 -20.67 33.56
C LYS A 152 22.08 -20.47 33.82
N ASN A 153 22.88 -20.40 32.76
CA ASN A 153 24.33 -20.24 32.97
C ASN A 153 24.76 -18.78 33.14
N LYS A 154 23.83 -17.85 32.95
CA LYS A 154 24.11 -16.43 33.12
C LYS A 154 22.78 -15.74 33.50
N PRO A 155 22.23 -16.11 34.66
CA PRO A 155 20.87 -15.60 34.96
C PRO A 155 20.87 -14.06 35.15
N ILE A 156 19.82 -13.43 34.69
CA ILE A 156 19.67 -12.03 34.96
C ILE A 156 18.57 -11.84 36.04
N THR A 157 18.95 -11.16 37.12
CA THR A 157 18.08 -10.94 38.29
C THR A 157 17.98 -9.47 38.58
N ASP A 158 18.87 -8.63 38.06
CA ASP A 158 18.66 -7.22 38.30
C ASP A 158 19.00 -6.33 37.07
N MET A 159 18.52 -5.08 37.08
CA MET A 159 18.68 -4.18 35.91
C MET A 159 20.16 -3.76 35.69
N ALA A 160 20.93 -3.56 36.75
CA ALA A 160 22.37 -3.28 36.53
C ALA A 160 23.06 -4.33 35.64
N GLN A 161 22.59 -5.57 35.69
CA GLN A 161 23.14 -6.66 34.88
C GLN A 161 22.88 -6.47 33.38
N LEU A 162 21.97 -5.58 33.00
CA LEU A 162 21.80 -5.30 31.60
C LEU A 162 22.82 -4.28 30.99
N LYS A 163 23.68 -3.68 31.83
CA LYS A 163 24.68 -2.72 31.34
C LYS A 163 25.53 -3.21 30.15
N ASP A 164 25.54 -2.45 29.04
CA ASP A 164 26.33 -2.83 27.83
C ASP A 164 25.79 -4.11 27.17
N GLN A 165 24.52 -4.41 27.43
CA GLN A 165 23.92 -5.64 26.97
C GLN A 165 22.50 -5.38 26.38
N THR A 166 21.94 -6.38 25.70
CA THR A 166 20.68 -6.23 25.01
C THR A 166 19.55 -7.05 25.65
N LEU A 167 18.38 -6.42 25.81
CA LEU A 167 17.18 -7.13 26.26
C LEU A 167 16.25 -7.33 25.08
N LEU A 168 15.76 -8.56 24.91
CA LEU A 168 14.80 -8.86 23.84
C LEU A 168 13.33 -8.65 24.28
N VAL A 169 12.54 -8.01 23.43
CA VAL A 169 11.14 -7.92 23.69
C VAL A 169 10.39 -8.12 22.35
N ASN A 170 9.15 -8.62 22.47
CA ASN A 170 8.23 -8.68 21.35
C ASN A 170 7.71 -7.25 21.17
N LYS A 171 7.90 -6.67 19.98
CA LYS A 171 7.47 -5.34 19.74
C LYS A 171 5.96 -5.15 20.07
N GLY A 172 5.64 -4.06 20.75
CA GLY A 172 4.26 -3.59 20.96
C GLY A 172 3.61 -4.30 22.19
N THR A 173 4.42 -5.00 22.99
CA THR A 173 3.91 -5.62 24.18
C THR A 173 4.05 -4.69 25.40
N THR A 174 3.39 -5.09 26.49
CA THR A 174 3.53 -4.35 27.76
C THR A 174 4.97 -4.44 28.23
N ALA A 175 5.69 -5.54 27.96
CA ALA A 175 7.13 -5.53 28.35
C ALA A 175 7.93 -4.47 27.61
N ASP A 176 7.69 -4.35 26.30
CA ASP A 176 8.27 -3.29 25.47
C ASP A 176 7.93 -1.94 26.08
N ALA A 177 6.64 -1.70 26.39
CA ALA A 177 6.25 -0.39 26.93
C ALA A 177 6.85 -0.11 28.34
N PHE A 178 6.86 -1.12 29.15
CA PHE A 178 7.44 -1.01 30.47
C PHE A 178 8.93 -0.55 30.50
N PHE A 179 9.77 -1.26 29.75
CA PHE A 179 11.22 -0.96 29.68
C PHE A 179 11.50 0.37 28.99
N THR A 180 10.82 0.65 27.88
CA THR A 180 10.87 1.93 27.26
C THR A 180 10.55 3.10 28.24
N LYS A 181 9.50 2.96 29.04
CA LYS A 181 9.08 4.03 29.92
C LYS A 181 9.87 4.05 31.25
N SER A 182 10.05 2.89 31.85
CA SER A 182 10.60 2.86 33.19
C SER A 182 12.12 2.60 33.27
N HIS A 183 12.70 2.02 32.21
CA HIS A 183 14.11 1.70 32.20
C HIS A 183 14.82 2.13 30.87
N PRO A 184 14.80 3.45 30.54
CA PRO A 184 15.32 3.88 29.24
C PRO A 184 16.80 3.61 29.09
N GLU A 185 17.46 3.33 30.21
CA GLU A 185 18.86 2.99 30.20
C GLU A 185 19.11 1.56 29.62
N VAL A 186 18.07 0.74 29.52
CA VAL A 186 18.21 -0.63 29.05
C VAL A 186 18.03 -0.68 27.53
N LYS A 187 19.04 -1.19 26.83
CA LYS A 187 18.99 -1.33 25.39
C LYS A 187 18.05 -2.48 24.95
N LEU A 188 17.07 -2.15 24.10
CA LEU A 188 16.08 -3.13 23.62
C LEU A 188 16.29 -3.52 22.16
N LEU A 189 16.15 -4.81 21.91
CA LEU A 189 16.06 -5.33 20.56
C LEU A 189 14.67 -5.96 20.40
N LYS A 190 13.92 -5.44 19.43
CA LYS A 190 12.50 -5.77 19.30
C LYS A 190 12.23 -6.60 18.01
N PHE A 191 11.34 -7.59 18.11
CA PHE A 191 10.96 -8.39 16.95
C PHE A 191 9.45 -8.39 16.90
N ASP A 192 8.87 -8.36 15.70
CA ASP A 192 7.38 -8.37 15.50
C ASP A 192 6.66 -9.58 16.15
N GLN A 193 7.25 -10.77 16.03
CA GLN A 193 6.62 -12.02 16.35
C GLN A 193 7.26 -12.70 17.58
N ASN A 194 6.47 -13.50 18.32
CA ASN A 194 7.04 -14.19 19.46
C ASN A 194 8.12 -15.19 19.07
N THR A 195 7.86 -15.99 18.05
CA THR A 195 8.81 -17.00 17.59
C THR A 195 10.16 -16.37 17.27
N GLU A 196 10.17 -15.27 16.53
CA GLU A 196 11.44 -14.55 16.28
C GLU A 196 12.11 -14.15 17.59
N THR A 197 11.32 -13.60 18.52
CA THR A 197 11.88 -13.06 19.75
C THR A 197 12.56 -14.17 20.61
N PHE A 198 11.89 -15.29 20.77
CA PHE A 198 12.46 -16.36 21.53
C PHE A 198 13.62 -17.05 20.74
N ASP A 199 13.50 -17.18 19.41
CA ASP A 199 14.62 -17.63 18.61
C ASP A 199 15.83 -16.70 18.81
N ALA A 200 15.61 -15.39 18.89
CA ALA A 200 16.79 -14.55 19.04
C ALA A 200 17.45 -14.79 20.40
N LEU A 201 16.67 -15.28 21.36
CA LEU A 201 17.21 -15.49 22.69
C LEU A 201 18.02 -16.78 22.67
N LYS A 202 17.45 -17.81 22.04
CA LYS A 202 18.19 -19.06 21.78
C LYS A 202 19.50 -18.80 21.03
N ASP A 203 19.50 -17.86 20.07
CA ASP A 203 20.69 -17.55 19.28
C ASP A 203 21.68 -16.61 20.02
N GLY A 204 21.36 -16.16 21.23
CA GLY A 204 22.26 -15.25 21.94
C GLY A 204 22.24 -13.81 21.43
N ARG A 205 21.15 -13.37 20.80
CA ARG A 205 21.08 -12.01 20.32
C ARG A 205 20.92 -11.00 21.47
N GLY A 206 20.47 -11.48 22.63
CA GLY A 206 20.38 -10.70 23.87
C GLY A 206 20.64 -11.61 25.05
N VAL A 207 20.85 -11.03 26.22
CA VAL A 207 21.21 -11.77 27.44
C VAL A 207 19.97 -12.24 28.18
N ALA A 208 18.77 -11.71 27.79
CA ALA A 208 17.50 -11.97 28.45
C ALA A 208 16.33 -11.50 27.59
N LEU A 209 15.11 -11.92 27.97
CA LEU A 209 13.93 -11.57 27.24
C LEU A 209 12.82 -11.31 28.24
N ALA A 210 12.13 -10.20 28.08
CA ALA A 210 11.05 -9.82 28.98
C ALA A 210 9.69 -9.98 28.30
N HIS A 211 8.71 -10.44 29.06
CA HIS A 211 7.34 -10.73 28.54
C HIS A 211 6.43 -11.05 29.73
N ASP A 212 5.16 -11.39 29.43
CA ASP A 212 4.19 -11.84 30.42
C ASP A 212 4.84 -13.01 31.14
N ASN A 213 4.79 -13.05 32.47
CA ASN A 213 5.48 -14.17 33.16
C ASN A 213 4.89 -15.55 32.86
N ALA A 214 3.56 -15.60 32.75
CA ALA A 214 2.89 -16.83 32.42
C ALA A 214 3.39 -17.38 31.08
N LEU A 215 3.57 -16.53 30.08
CA LEU A 215 4.17 -17.01 28.86
C LEU A 215 5.56 -17.57 29.17
N LEU A 216 6.36 -16.81 29.93
CA LEU A 216 7.77 -17.22 30.16
C LEU A 216 7.88 -18.53 30.94
N TRP A 217 6.98 -18.74 31.92
CA TRP A 217 6.94 -20.02 32.60
C TRP A 217 6.63 -21.17 31.60
N ALA A 218 5.73 -20.92 30.65
CA ALA A 218 5.27 -21.99 29.73
C ALA A 218 6.37 -22.32 28.72
N TRP A 219 7.04 -21.25 28.27
CA TRP A 219 8.14 -21.41 27.37
C TRP A 219 9.34 -22.12 28.05
N ALA A 220 9.71 -21.72 29.27
CA ALA A 220 10.90 -22.26 29.95
C ALA A 220 10.75 -23.74 30.30
N LYS A 221 9.49 -24.15 30.49
CA LYS A 221 9.14 -25.53 30.71
C LYS A 221 9.66 -26.43 29.54
N GLU A 222 9.55 -25.93 28.31
CA GLU A 222 9.99 -26.70 27.16
C GLU A 222 11.39 -26.28 26.75
N ASN A 223 11.98 -25.29 27.40
CA ASN A 223 13.35 -24.85 27.13
C ASN A 223 14.19 -24.74 28.38
N PRO A 224 14.59 -25.90 28.93
CA PRO A 224 15.13 -25.93 30.29
C PRO A 224 16.55 -25.39 30.47
N ASN A 225 17.21 -24.89 29.43
CA ASN A 225 18.46 -24.15 29.65
C ASN A 225 18.20 -22.69 30.03
N PHE A 226 16.92 -22.33 30.09
CA PHE A 226 16.48 -21.03 30.52
C PHE A 226 15.68 -21.07 31.82
N GLU A 227 15.80 -20.01 32.61
CA GLU A 227 14.92 -19.87 33.76
C GLU A 227 14.32 -18.48 33.84
N VAL A 228 13.12 -18.43 34.41
CA VAL A 228 12.49 -17.12 34.66
C VAL A 228 13.04 -16.57 36.00
N ALA A 229 14.23 -16.00 35.93
CA ALA A 229 14.98 -15.59 37.15
C ALA A 229 14.49 -14.30 37.76
N ILE A 230 13.76 -13.50 36.99
CA ILE A 230 12.86 -12.46 37.53
C ILE A 230 11.40 -12.83 37.28
N GLY A 231 10.68 -13.35 38.32
CA GLY A 231 9.30 -13.81 38.14
C GLY A 231 8.28 -12.72 37.99
N ASN A 232 8.60 -11.53 38.51
CA ASN A 232 7.58 -10.50 38.71
C ASN A 232 8.24 -9.10 38.74
N LEU A 233 7.82 -8.24 37.84
CA LEU A 233 8.32 -6.86 37.75
C LEU A 233 7.29 -5.88 38.30
N GLY A 234 6.34 -6.35 39.10
CA GLY A 234 5.32 -5.47 39.66
C GLY A 234 3.94 -6.14 39.67
N PRO A 235 2.90 -5.44 40.24
CA PRO A 235 1.55 -6.01 40.34
C PRO A 235 0.98 -6.46 39.01
N ALA A 236 0.22 -7.53 39.11
CA ALA A 236 -0.54 -8.06 37.97
C ALA A 236 -1.52 -7.05 37.32
N GLU A 237 -1.63 -7.09 36.00
CA GLU A 237 -2.56 -6.29 35.20
C GLU A 237 -3.60 -7.20 34.64
N PHE A 238 -4.79 -6.69 34.33
CA PHE A 238 -5.78 -7.54 33.67
C PHE A 238 -5.61 -7.72 32.20
N ILE A 239 -6.00 -8.89 31.71
CA ILE A 239 -6.14 -9.21 30.32
C ILE A 239 -7.64 -9.29 29.96
N ALA A 240 -8.04 -8.68 28.85
CA ALA A 240 -9.47 -8.44 28.58
C ALA A 240 -9.68 -8.45 27.11
N PRO A 241 -10.91 -8.76 26.65
CA PRO A 241 -11.22 -8.59 25.22
C PRO A 241 -11.27 -7.12 24.87
N ALA A 242 -11.09 -6.78 23.59
CA ALA A 242 -11.20 -5.35 23.20
C ALA A 242 -12.02 -5.20 21.93
N VAL A 243 -12.90 -4.19 21.90
CA VAL A 243 -13.67 -3.85 20.70
C VAL A 243 -13.24 -2.46 20.26
N GLN A 244 -13.65 -2.08 19.05
CA GLN A 244 -13.45 -0.73 18.52
C GLN A 244 -13.98 0.29 19.50
N LYS A 245 -13.24 1.39 19.67
CA LYS A 245 -13.61 2.50 20.52
C LYS A 245 -14.97 3.01 20.14
N GLY A 246 -15.87 3.10 21.10
CA GLY A 246 -17.24 3.50 20.80
C GLY A 246 -18.21 2.40 20.46
N ASN A 247 -17.75 1.16 20.34
CA ASN A 247 -18.67 0.11 19.97
C ASN A 247 -19.38 -0.45 21.22
N ALA A 248 -20.31 0.33 21.78
CA ALA A 248 -20.92 -0.02 23.06
C ALA A 248 -21.86 -1.22 22.94
N ASP A 249 -22.40 -1.41 21.76
CA ASP A 249 -23.29 -2.53 21.52
C ASP A 249 -22.56 -3.89 21.70
N LEU A 250 -21.41 -4.05 21.03
CA LEU A 250 -20.64 -5.29 21.13
C LEU A 250 -19.94 -5.42 22.50
N LEU A 251 -19.45 -4.28 22.99
CA LEU A 251 -18.88 -4.17 24.32
C LEU A 251 -19.85 -4.70 25.37
N ASN A 252 -21.09 -4.18 25.35
CA ASN A 252 -22.07 -4.59 26.34
C ASN A 252 -22.40 -6.10 26.29
N TRP A 253 -22.52 -6.64 25.06
CA TRP A 253 -22.72 -8.07 24.85
C TRP A 253 -21.55 -8.91 25.33
N VAL A 254 -20.31 -8.51 24.98
CA VAL A 254 -19.10 -9.16 25.48
C VAL A 254 -19.01 -9.20 27.01
N ASN A 255 -19.28 -8.08 27.67
CA ASN A 255 -19.33 -8.00 29.15
C ASN A 255 -20.25 -9.06 29.78
N GLY A 256 -21.50 -9.16 29.28
CA GLY A 256 -22.48 -10.11 29.76
C GLY A 256 -22.02 -11.54 29.53
N GLU A 257 -21.43 -11.77 28.37
CA GLU A 257 -20.82 -13.08 28.08
C GLU A 257 -19.67 -13.47 29.00
N ILE A 258 -18.73 -12.56 29.27
CA ILE A 258 -17.64 -12.83 30.18
C ILE A 258 -18.16 -13.16 31.58
N ALA A 259 -19.12 -12.37 32.04
CA ALA A 259 -19.67 -12.45 33.40
C ALA A 259 -20.30 -13.82 33.52
N ALA A 260 -21.04 -14.19 32.47
CA ALA A 260 -21.79 -15.47 32.49
C ALA A 260 -20.80 -16.64 32.48
N MET A 261 -19.69 -16.47 31.77
CA MET A 261 -18.67 -17.53 31.70
C MET A 261 -17.91 -17.79 32.99
N LYS A 262 -17.71 -16.70 33.75
CA LYS A 262 -17.21 -16.77 35.14
C LYS A 262 -18.19 -17.54 36.04
N LYS A 263 -19.47 -17.30 35.87
CA LYS A 263 -20.46 -17.86 36.79
C LYS A 263 -20.76 -19.32 36.49
N ASP A 264 -20.83 -19.69 35.21
CA ASP A 264 -21.25 -21.01 34.80
C ASP A 264 -20.16 -22.06 34.52
N GLY A 265 -18.90 -21.73 34.76
CA GLY A 265 -17.84 -22.72 34.64
C GLY A 265 -17.11 -22.75 33.32
N ARG A 266 -17.60 -22.04 32.30
CA ARG A 266 -16.93 -22.02 31.00
C ARG A 266 -15.53 -21.46 31.01
N LEU A 267 -15.29 -20.41 31.79
CA LEU A 267 -13.92 -19.90 32.00
C LEU A 267 -13.02 -20.91 32.74
N LYS A 268 -13.54 -21.50 33.82
CA LYS A 268 -12.81 -22.55 34.53
C LYS A 268 -12.50 -23.76 33.59
N ALA A 269 -13.48 -24.17 32.78
CA ALA A 269 -13.27 -25.24 31.79
C ALA A 269 -12.15 -24.91 30.77
N ALA A 270 -12.17 -23.69 30.24
CA ALA A 270 -11.09 -23.23 29.35
C ALA A 270 -9.71 -23.30 30.04
N TYR A 271 -9.62 -22.95 31.32
CA TYR A 271 -8.34 -22.96 32.05
C TYR A 271 -7.88 -24.42 32.22
N GLU A 272 -8.82 -25.29 32.57
CA GLU A 272 -8.54 -26.71 32.76
C GLU A 272 -8.07 -27.36 31.46
N LYS A 273 -8.65 -26.95 30.33
CA LYS A 273 -8.27 -27.53 29.05
C LYS A 273 -6.91 -27.05 28.57
N THR A 274 -6.57 -25.79 28.78
CA THR A 274 -5.42 -25.25 28.07
C THR A 274 -4.26 -24.80 28.96
N LEU A 275 -4.56 -24.47 30.22
CA LEU A 275 -3.57 -23.87 31.11
C LEU A 275 -3.09 -24.84 32.19
N LEU A 276 -4.02 -25.55 32.81
CA LEU A 276 -3.71 -26.51 33.83
C LEU A 276 -2.68 -27.56 33.37
N PRO A 277 -2.79 -28.08 32.10
CA PRO A 277 -1.79 -29.06 31.70
C PRO A 277 -0.37 -28.44 31.67
N VAL A 278 -0.30 -27.14 31.47
CA VAL A 278 0.99 -26.50 31.37
C VAL A 278 1.57 -26.23 32.77
N TYR A 279 0.81 -25.51 33.60
CA TYR A 279 1.35 -25.11 34.88
C TYR A 279 1.18 -26.15 36.00
N GLY A 280 0.24 -27.10 35.87
CA GLY A 280 -0.09 -28.02 36.95
C GLY A 280 -0.52 -27.30 38.23
N GLU A 281 -0.06 -27.81 39.38
CA GLU A 281 -0.32 -27.19 40.68
C GLU A 281 0.60 -26.01 40.99
N LYS A 282 1.55 -25.71 40.09
CA LYS A 282 2.58 -24.66 40.28
C LYS A 282 1.99 -23.23 40.23
N VAL A 283 0.85 -23.10 39.56
CA VAL A 283 0.14 -21.84 39.48
C VAL A 283 -1.35 -22.09 39.75
N LYS A 284 -1.83 -21.61 40.89
CA LYS A 284 -3.26 -21.72 41.27
C LYS A 284 -4.17 -21.00 40.29
N PRO A 285 -5.35 -21.56 40.00
CA PRO A 285 -6.26 -20.91 39.03
C PRO A 285 -6.68 -19.50 39.46
N GLU A 286 -6.77 -19.24 40.75
CA GLU A 286 -7.12 -17.90 41.21
C GLU A 286 -5.99 -16.90 41.02
N ALA A 287 -4.77 -17.37 40.74
CA ALA A 287 -3.67 -16.48 40.38
C ALA A 287 -3.77 -16.08 38.90
N LEU A 288 -4.47 -16.83 38.07
CA LEU A 288 -4.52 -16.49 36.66
C LEU A 288 -5.85 -15.89 36.29
N LEU A 289 -6.93 -16.45 36.83
CA LEU A 289 -8.26 -16.05 36.35
C LEU A 289 -8.70 -14.79 37.07
N ALA A 290 -9.35 -13.91 36.32
CA ALA A 290 -9.95 -12.71 36.85
C ALA A 290 -11.25 -13.06 37.58
N GLU A 291 -11.42 -12.52 38.77
CA GLU A 291 -12.74 -12.50 39.37
C GLU A 291 -13.49 -11.44 38.59
N ALA B 46 1.26 -35.77 0.92
CA ALA B 46 0.61 -34.73 0.03
C ALA B 46 0.63 -35.11 -1.46
N THR B 47 0.27 -36.36 -1.74
CA THR B 47 0.03 -36.81 -3.11
C THR B 47 -1.35 -36.39 -3.65
N VAL B 48 -1.53 -36.53 -4.96
CA VAL B 48 -2.84 -36.32 -5.63
C VAL B 48 -3.92 -37.10 -4.91
N ALA B 49 -3.66 -38.40 -4.66
CA ALA B 49 -4.62 -39.27 -4.01
C ALA B 49 -4.90 -38.87 -2.56
N ALA B 50 -3.87 -38.50 -1.82
CA ALA B 50 -4.06 -38.11 -0.42
C ALA B 50 -4.92 -36.83 -0.34
N ILE B 51 -4.65 -35.84 -1.19
CA ILE B 51 -5.38 -34.59 -1.21
C ILE B 51 -6.86 -34.83 -1.65
N LYS B 52 -7.06 -35.71 -2.62
CA LYS B 52 -8.45 -36.08 -2.99
C LYS B 52 -9.23 -36.67 -1.80
N GLU B 53 -8.55 -37.52 -1.04
CA GLU B 53 -9.11 -38.11 0.17
C GLU B 53 -9.47 -37.09 1.27
N LYS B 54 -8.61 -36.09 1.52
CA LYS B 54 -8.96 -35.00 2.43
C LYS B 54 -10.10 -34.09 1.95
N GLY B 55 -10.32 -33.98 0.64
CA GLY B 55 -11.36 -33.10 0.08
C GLY B 55 -10.95 -31.62 0.02
N VAL B 56 -9.73 -31.32 0.43
CA VAL B 56 -9.31 -29.93 0.47
C VAL B 56 -7.82 -29.87 0.17
N ILE B 57 -7.39 -28.85 -0.58
CA ILE B 57 -5.96 -28.66 -0.81
C ILE B 57 -5.48 -27.38 -0.08
N ARG B 58 -4.38 -27.50 0.66
CA ARG B 58 -3.91 -26.34 1.46
C ARG B 58 -2.86 -25.60 0.62
N ILE B 59 -3.14 -24.35 0.30
CA ILE B 59 -2.27 -23.57 -0.56
C ILE B 59 -1.79 -22.28 0.10
N GLY B 60 -0.47 -22.13 0.15
CA GLY B 60 0.14 -20.93 0.69
C GLY B 60 0.09 -19.84 -0.36
N VAL B 61 -0.42 -18.69 0.08
CA VAL B 61 -0.52 -17.53 -0.78
C VAL B 61 -0.14 -16.28 0.02
N PHE B 62 0.12 -15.16 -0.69
CA PHE B 62 0.33 -13.87 -0.04
C PHE B 62 -0.96 -13.27 0.45
N GLY B 63 -0.87 -12.61 1.60
CA GLY B 63 -1.98 -11.80 2.15
C GLY B 63 -1.90 -10.31 1.78
N ASP B 64 -0.72 -9.85 1.35
CA ASP B 64 -0.50 -8.39 1.22
C ASP B 64 0.37 -8.06 0.02
N LYS B 65 0.20 -8.87 -1.00
CA LYS B 65 0.91 -8.66 -2.20
C LYS B 65 -0.06 -8.45 -3.39
N PRO B 66 -0.96 -7.44 -3.32
CA PRO B 66 -1.80 -7.19 -4.50
C PRO B 66 -0.92 -6.67 -5.62
N PRO B 67 -1.24 -6.98 -6.88
CA PRO B 67 -2.40 -7.77 -7.36
C PRO B 67 -2.16 -9.32 -7.43
N PHE B 68 -1.10 -9.82 -6.77
CA PHE B 68 -0.79 -11.25 -6.88
C PHE B 68 -1.50 -12.15 -5.87
N GLY B 69 -1.45 -11.74 -4.60
CA GLY B 69 -2.13 -12.45 -3.55
C GLY B 69 -2.45 -11.44 -2.47
N TYR B 70 -3.75 -11.25 -2.19
CA TYR B 70 -4.15 -10.37 -1.11
C TYR B 70 -5.52 -10.77 -0.58
N VAL B 71 -5.99 -10.00 0.39
CA VAL B 71 -7.28 -10.17 1.04
C VAL B 71 -8.11 -8.90 0.83
N ASP B 72 -9.35 -9.07 0.35
CA ASP B 72 -10.15 -7.88 -0.01
C ASP B 72 -10.92 -7.37 1.21
N ALA B 73 -11.66 -6.28 1.06
CA ALA B 73 -12.47 -5.72 2.19
C ALA B 73 -13.50 -6.71 2.77
N ASN B 74 -13.85 -7.74 2.01
CA ASN B 74 -14.79 -8.72 2.51
C ASN B 74 -14.09 -9.91 3.16
N GLY B 75 -12.77 -9.83 3.31
CA GLY B 75 -12.03 -10.95 3.88
C GLY B 75 -11.71 -12.11 2.93
N LYS B 76 -11.92 -11.91 1.63
CA LYS B 76 -11.78 -12.99 0.65
C LYS B 76 -10.38 -12.90 -0.01
N ASN B 77 -9.70 -14.04 -0.15
CA ASN B 77 -8.46 -14.08 -0.97
C ASN B 77 -8.70 -13.71 -2.41
N GLN B 78 -7.84 -12.85 -2.95
CA GLN B 78 -7.95 -12.40 -4.33
C GLN B 78 -6.56 -12.25 -4.94
N GLY B 79 -6.51 -12.14 -6.27
CA GLY B 79 -5.22 -11.92 -6.95
C GLY B 79 -4.90 -12.99 -7.96
N PHE B 80 -3.91 -12.71 -8.78
CA PHE B 80 -3.48 -13.56 -9.88
C PHE B 80 -3.14 -14.98 -9.40
N ASP B 81 -2.29 -15.06 -8.35
CA ASP B 81 -1.90 -16.36 -7.78
C ASP B 81 -3.16 -17.14 -7.25
N VAL B 82 -4.08 -16.38 -6.64
CA VAL B 82 -5.27 -16.98 -6.05
C VAL B 82 -6.17 -17.54 -7.13
N GLU B 83 -6.20 -16.88 -8.30
CA GLU B 83 -7.03 -17.39 -9.42
C GLU B 83 -6.49 -18.73 -9.89
N ILE B 84 -5.17 -18.79 -10.05
CA ILE B 84 -4.50 -20.01 -10.44
C ILE B 84 -4.86 -21.11 -9.45
N ALA B 85 -4.77 -20.80 -8.16
CA ALA B 85 -5.05 -21.77 -7.11
C ALA B 85 -6.51 -22.32 -7.24
N LYS B 86 -7.45 -21.45 -7.57
CA LYS B 86 -8.84 -21.81 -7.61
C LYS B 86 -9.10 -22.74 -8.78
N ASP B 87 -8.39 -22.48 -9.87
CA ASP B 87 -8.48 -23.35 -11.05
C ASP B 87 -7.93 -24.76 -10.74
N LEU B 88 -6.82 -24.83 -10.01
CA LEU B 88 -6.25 -26.09 -9.62
C LEU B 88 -7.27 -26.87 -8.79
N ALA B 89 -7.85 -26.21 -7.79
CA ALA B 89 -8.78 -26.84 -6.86
C ALA B 89 -10.03 -27.35 -7.60
N LYS B 90 -10.55 -26.53 -8.49
CA LYS B 90 -11.65 -26.98 -9.31
C LYS B 90 -11.30 -28.32 -10.03
N ASP B 91 -10.12 -28.39 -10.67
CA ASP B 91 -9.74 -29.54 -11.49
C ASP B 91 -9.49 -30.77 -10.60
N LEU B 92 -8.80 -30.52 -9.49
CA LEU B 92 -8.42 -31.59 -8.57
C LEU B 92 -9.63 -32.10 -7.80
N LEU B 93 -10.44 -31.19 -7.27
CA LEU B 93 -11.45 -31.55 -6.28
C LEU B 93 -12.88 -31.31 -6.74
N GLY B 94 -13.02 -30.62 -7.88
CA GLY B 94 -14.35 -30.45 -8.49
C GLY B 94 -15.03 -29.13 -8.17
N SER B 95 -14.39 -28.30 -7.33
CA SER B 95 -14.94 -26.98 -6.97
C SER B 95 -13.81 -25.98 -6.56
N PRO B 96 -13.86 -24.73 -7.08
CA PRO B 96 -12.80 -23.78 -6.71
C PRO B 96 -12.82 -23.44 -5.21
N ASP B 97 -13.89 -23.83 -4.52
CA ASP B 97 -14.05 -23.46 -3.12
C ASP B 97 -13.32 -24.43 -2.17
N LYS B 98 -12.72 -25.48 -2.75
CA LYS B 98 -12.00 -26.50 -1.99
C LYS B 98 -10.50 -26.21 -1.70
N VAL B 99 -10.10 -24.93 -1.70
CA VAL B 99 -8.76 -24.53 -1.27
C VAL B 99 -8.90 -23.97 0.13
N GLU B 100 -8.10 -24.48 1.03
CA GLU B 100 -7.84 -23.80 2.28
C GLU B 100 -6.61 -22.88 1.99
N PHE B 101 -6.82 -21.57 1.91
CA PHE B 101 -5.68 -20.64 1.71
C PHE B 101 -4.94 -20.40 3.01
N VAL B 102 -3.62 -20.51 2.97
CA VAL B 102 -2.79 -20.27 4.17
C VAL B 102 -1.93 -19.07 3.85
N LEU B 103 -2.09 -17.96 4.60
CA LEU B 103 -1.33 -16.73 4.37
C LEU B 103 0.09 -16.95 4.78
N THR B 104 0.98 -16.65 3.86
CA THR B 104 2.34 -17.04 4.05
C THR B 104 3.22 -15.85 3.84
N GLU B 105 4.07 -15.52 4.77
CA GLU B 105 4.97 -14.44 4.43
C GLU B 105 6.20 -14.95 3.63
N ALA B 106 6.96 -14.04 3.00
CA ALA B 106 7.96 -14.50 2.00
C ALA B 106 8.97 -15.50 2.68
N ALA B 107 9.37 -15.20 3.91
CA ALA B 107 10.45 -15.94 4.54
C ALA B 107 10.03 -17.33 4.97
N ASN B 108 8.74 -17.62 4.93
CA ASN B 108 8.19 -18.87 5.43
C ASN B 108 7.78 -19.87 4.34
N ARG B 109 7.81 -19.44 3.09
CA ARG B 109 7.33 -20.29 2.01
C ARG B 109 8.02 -21.68 1.97
N VAL B 110 9.34 -21.70 2.11
CA VAL B 110 10.05 -22.96 2.12
C VAL B 110 9.67 -23.81 3.33
N GLU B 111 9.76 -23.26 4.51
CA GLU B 111 9.33 -24.00 5.72
C GLU B 111 7.89 -24.59 5.68
N TYR B 112 6.95 -23.85 5.14
CA TYR B 112 5.56 -24.25 5.16
C TYR B 112 5.32 -25.45 4.22
N VAL B 113 5.95 -25.45 3.05
CA VAL B 113 5.77 -26.60 2.20
C VAL B 113 6.66 -27.76 2.68
N ARG B 114 7.82 -27.43 3.29
CA ARG B 114 8.72 -28.49 3.75
C ARG B 114 8.13 -29.28 4.93
N SER B 115 7.44 -28.57 5.82
CA SER B 115 6.96 -29.16 7.06
C SER B 115 5.58 -29.75 6.87
N GLY B 116 4.97 -29.52 5.69
CA GLY B 116 3.63 -30.08 5.39
C GLY B 116 2.49 -29.19 5.82
N LYS B 117 2.80 -27.96 6.27
CA LYS B 117 1.74 -27.01 6.65
C LYS B 117 0.90 -26.60 5.44
N VAL B 118 1.53 -26.46 4.27
CA VAL B 118 0.79 -26.42 2.99
C VAL B 118 1.18 -27.57 2.07
N ASP B 119 0.33 -27.84 1.08
CA ASP B 119 0.54 -28.87 0.06
C ASP B 119 1.27 -28.28 -1.16
N LEU B 120 1.10 -26.97 -1.33
CA LEU B 120 1.52 -26.24 -2.52
C LEU B 120 1.74 -24.77 -2.14
N ILE B 121 2.81 -24.19 -2.69
CA ILE B 121 3.07 -22.77 -2.59
C ILE B 121 2.68 -22.09 -3.92
N LEU B 122 1.77 -21.12 -3.83
CA LEU B 122 1.49 -20.22 -4.90
C LEU B 122 1.64 -18.77 -4.36
N ALA B 123 2.63 -18.56 -3.49
CA ALA B 123 2.82 -17.22 -2.91
C ALA B 123 3.88 -16.54 -3.78
N ASN B 124 3.44 -16.19 -5.00
CA ASN B 124 4.21 -15.47 -6.03
C ASN B 124 5.73 -15.68 -5.95
N PHE B 125 6.14 -16.94 -6.19
CA PHE B 125 7.40 -17.51 -5.70
C PHE B 125 8.47 -17.66 -6.81
N THR B 126 9.51 -16.85 -6.76
CA THR B 126 10.51 -16.90 -7.79
C THR B 126 11.34 -18.17 -7.64
N GLN B 127 11.55 -18.82 -8.78
CA GLN B 127 12.36 -20.04 -8.85
C GLN B 127 13.82 -19.61 -8.87
N THR B 128 14.64 -20.15 -7.99
CA THR B 128 16.09 -19.92 -8.07
C THR B 128 16.81 -21.25 -7.84
N PRO B 129 18.05 -21.36 -8.31
CA PRO B 129 18.82 -22.60 -8.03
C PRO B 129 18.91 -22.92 -6.52
N GLU B 130 19.08 -21.90 -5.68
CA GLU B 130 19.22 -22.20 -4.24
C GLU B 130 17.91 -22.66 -3.59
N ARG B 131 16.81 -22.04 -3.96
CA ARG B 131 15.47 -22.51 -3.56
C ARG B 131 15.11 -23.92 -4.12
N ALA B 132 15.55 -24.22 -5.34
CA ALA B 132 15.33 -25.55 -5.92
C ALA B 132 16.13 -26.66 -5.17
N GLU B 133 17.07 -26.29 -4.29
CA GLU B 133 17.70 -27.30 -3.41
C GLU B 133 16.81 -27.70 -2.25
N ALA B 134 15.81 -26.84 -1.94
CA ALA B 134 14.92 -27.07 -0.80
C ALA B 134 13.45 -27.50 -1.15
N VAL B 135 12.98 -27.13 -2.35
CA VAL B 135 11.62 -27.43 -2.75
C VAL B 135 11.61 -27.77 -4.24
N ASP B 136 10.53 -28.37 -4.75
CA ASP B 136 10.45 -28.65 -6.18
C ASP B 136 9.52 -27.62 -6.83
N PHE B 137 9.99 -26.94 -7.84
CA PHE B 137 9.16 -26.03 -8.60
C PHE B 137 8.50 -26.66 -9.80
N ALA B 138 7.21 -26.42 -10.00
CA ALA B 138 6.51 -26.88 -11.20
C ALA B 138 6.76 -25.89 -12.36
N ASP B 139 6.14 -26.11 -13.52
CA ASP B 139 6.21 -25.22 -14.67
C ASP B 139 5.83 -23.81 -14.25
N PRO B 140 6.62 -22.84 -14.70
CA PRO B 140 6.41 -21.44 -14.38
C PRO B 140 5.13 -20.88 -15.02
N TYR B 141 4.49 -19.91 -14.38
CA TYR B 141 3.34 -19.22 -14.99
C TYR B 141 3.60 -17.73 -15.25
N MET B 142 4.64 -17.19 -14.64
CA MET B 142 4.94 -15.80 -14.89
C MET B 142 6.41 -15.50 -14.79
N LYS B 143 6.80 -14.30 -15.23
CA LYS B 143 8.21 -13.87 -15.12
C LYS B 143 8.35 -12.48 -14.47
N VAL B 144 9.49 -12.21 -13.85
CA VAL B 144 9.59 -11.00 -13.11
C VAL B 144 11.05 -10.64 -12.93
N ALA B 145 11.33 -9.34 -13.00
CA ALA B 145 12.68 -8.84 -12.66
C ALA B 145 12.53 -8.04 -11.35
N LEU B 146 13.65 -7.73 -10.71
CA LEU B 146 13.63 -6.82 -9.57
C LEU B 146 13.68 -5.35 -10.05
N GLY B 147 13.18 -4.44 -9.23
CA GLY B 147 13.32 -3.00 -9.48
C GLY B 147 13.54 -2.32 -8.17
N VAL B 148 13.62 -0.99 -8.17
CA VAL B 148 13.80 -0.24 -6.89
C VAL B 148 12.93 0.95 -6.95
N VAL B 149 12.22 1.24 -5.85
CA VAL B 149 11.28 2.35 -5.80
C VAL B 149 11.81 3.36 -4.80
N SER B 150 11.62 4.66 -5.10
CA SER B 150 12.08 5.74 -4.22
C SER B 150 11.22 6.97 -4.41
N PRO B 151 11.27 7.90 -3.46
CA PRO B 151 10.44 9.06 -3.64
C PRO B 151 10.86 9.92 -4.81
N LYS B 152 9.88 10.56 -5.47
CA LYS B 152 10.12 11.41 -6.64
C LYS B 152 11.02 12.63 -6.29
N ASN B 153 10.96 13.10 -5.06
CA ASN B 153 11.82 14.23 -4.75
C ASN B 153 13.31 13.81 -4.44
N LYS B 154 13.61 12.51 -4.45
CA LYS B 154 14.93 12.00 -4.11
C LYS B 154 15.09 10.65 -4.82
N PRO B 155 15.01 10.66 -6.17
CA PRO B 155 15.01 9.37 -6.88
C PRO B 155 16.33 8.63 -6.75
N ILE B 156 16.25 7.34 -6.57
CA ILE B 156 17.46 6.54 -6.58
C ILE B 156 17.57 5.77 -7.91
N THR B 157 18.65 6.05 -8.63
CA THR B 157 18.91 5.42 -9.91
C THR B 157 20.20 4.60 -9.96
N ASP B 158 21.08 4.79 -9.00
CA ASP B 158 22.29 3.95 -8.97
C ASP B 158 22.69 3.46 -7.54
N MET B 159 23.62 2.54 -7.45
CA MET B 159 24.04 1.97 -6.17
C MET B 159 24.89 2.92 -5.34
N ALA B 160 25.68 3.77 -5.99
CA ALA B 160 26.50 4.69 -5.23
C ALA B 160 25.61 5.59 -4.37
N GLN B 161 24.36 5.80 -4.81
CA GLN B 161 23.46 6.69 -4.09
C GLN B 161 22.97 5.96 -2.83
N LEU B 162 23.15 4.64 -2.81
CA LEU B 162 22.71 3.78 -1.70
C LEU B 162 23.79 3.63 -0.65
N LYS B 163 24.94 3.07 -1.08
CA LYS B 163 26.13 2.80 -0.24
C LYS B 163 26.16 3.53 1.12
N ASP B 164 25.81 4.81 1.17
CA ASP B 164 25.71 5.40 2.50
C ASP B 164 24.56 4.87 3.39
N GLN B 165 23.43 4.60 2.76
CA GLN B 165 22.12 4.76 3.28
C GLN B 165 21.36 3.50 3.45
N THR B 166 20.08 3.56 3.72
CA THR B 166 19.32 2.33 4.06
C THR B 166 18.38 1.96 2.96
N LEU B 167 18.46 0.71 2.54
CA LEU B 167 17.53 0.13 1.55
C LEU B 167 16.53 -0.81 2.20
N LEU B 168 15.25 -0.69 1.86
CA LEU B 168 14.25 -1.50 2.54
C LEU B 168 13.97 -2.69 1.72
N VAL B 169 13.84 -3.85 2.38
CA VAL B 169 13.36 -5.01 1.68
C VAL B 169 12.42 -5.85 2.57
N ASN B 170 11.59 -6.67 1.93
CA ASN B 170 10.80 -7.68 2.62
C ASN B 170 11.75 -8.87 2.82
N LYS B 171 11.86 -9.30 4.07
CA LYS B 171 12.75 -10.38 4.44
C LYS B 171 12.35 -11.65 3.67
N GLY B 172 13.34 -12.31 3.09
CA GLY B 172 13.17 -13.64 2.48
C GLY B 172 12.80 -13.52 1.02
N THR B 173 12.88 -12.31 0.47
CA THR B 173 12.57 -12.15 -0.94
C THR B 173 13.80 -12.20 -1.82
N THR B 174 13.59 -12.36 -3.12
CA THR B 174 14.77 -12.33 -4.03
C THR B 174 15.56 -10.99 -3.94
N ALA B 175 14.86 -9.88 -3.67
CA ALA B 175 15.47 -8.58 -3.50
C ALA B 175 16.41 -8.57 -2.30
N ASP B 176 15.95 -9.17 -1.22
CA ASP B 176 16.80 -9.36 -0.05
C ASP B 176 18.00 -10.22 -0.45
N ALA B 177 17.75 -11.33 -1.15
CA ALA B 177 18.90 -12.21 -1.53
C ALA B 177 19.86 -11.53 -2.52
N PHE B 178 19.30 -10.81 -3.48
CA PHE B 178 20.10 -10.13 -4.47
C PHE B 178 21.11 -9.10 -3.86
N PHE B 179 20.60 -8.22 -3.00
CA PHE B 179 21.43 -7.21 -2.36
C PHE B 179 22.43 -7.77 -1.37
N THR B 180 22.03 -8.83 -0.65
CA THR B 180 22.90 -9.48 0.29
C THR B 180 24.13 -10.07 -0.40
N LYS B 181 23.93 -10.63 -1.57
CA LYS B 181 24.92 -11.33 -2.31
C LYS B 181 25.69 -10.38 -3.24
N SER B 182 24.98 -9.56 -4.03
CA SER B 182 25.66 -8.81 -5.07
C SER B 182 26.10 -7.45 -4.63
N HIS B 183 25.42 -6.88 -3.61
CA HIS B 183 25.73 -5.55 -3.08
C HIS B 183 25.85 -5.44 -1.56
N PRO B 184 26.88 -6.11 -0.99
CA PRO B 184 27.11 -6.00 0.45
C PRO B 184 27.40 -4.58 0.95
N GLU B 185 27.74 -3.60 0.09
CA GLU B 185 27.98 -2.16 0.47
C GLU B 185 26.70 -1.50 0.95
N VAL B 186 25.59 -2.14 0.65
CA VAL B 186 24.30 -1.52 0.82
C VAL B 186 23.67 -2.06 2.07
N LYS B 187 23.38 -1.13 2.96
CA LYS B 187 22.78 -1.41 4.23
C LYS B 187 21.31 -1.74 4.00
N LEU B 188 20.87 -2.87 4.57
CA LEU B 188 19.49 -3.32 4.48
C LEU B 188 18.68 -3.22 5.80
N LEU B 189 17.43 -2.78 5.69
CA LEU B 189 16.48 -2.91 6.78
C LEU B 189 15.34 -3.82 6.26
N LYS B 190 15.06 -4.88 7.00
CA LYS B 190 14.23 -5.94 6.51
C LYS B 190 12.97 -6.07 7.36
N PHE B 191 11.85 -6.34 6.74
CA PHE B 191 10.57 -6.46 7.43
C PHE B 191 9.91 -7.74 7.07
N ASP B 192 9.21 -8.30 8.01
CA ASP B 192 8.46 -9.49 7.77
C ASP B 192 7.22 -9.46 6.88
N GLN B 193 6.61 -8.32 6.69
CA GLN B 193 5.45 -8.21 5.89
C GLN B 193 5.64 -7.14 4.82
N ASN B 194 5.00 -7.27 3.68
CA ASN B 194 5.04 -6.21 2.67
C ASN B 194 4.42 -4.85 3.08
N THR B 195 3.25 -4.92 3.74
CA THR B 195 2.57 -3.75 4.32
C THR B 195 3.53 -2.90 5.14
N GLU B 196 4.27 -3.51 6.08
CA GLU B 196 5.32 -2.85 6.86
C GLU B 196 6.50 -2.31 6.03
N THR B 197 6.97 -3.09 5.06
CA THR B 197 8.06 -2.66 4.21
C THR B 197 7.68 -1.36 3.44
N PHE B 198 6.52 -1.34 2.77
CA PHE B 198 6.05 -0.09 2.15
C PHE B 198 5.71 1.07 3.18
N ASP B 199 5.13 0.72 4.35
CA ASP B 199 4.98 1.70 5.41
C ASP B 199 6.34 2.29 5.80
N ALA B 200 7.34 1.45 6.00
CA ALA B 200 8.63 1.95 6.28
C ALA B 200 9.11 2.99 5.26
N LEU B 201 8.94 2.71 3.96
CA LEU B 201 9.30 3.71 2.94
C LEU B 201 8.50 5.01 3.11
N LYS B 202 7.15 4.90 3.15
CA LYS B 202 6.36 6.13 3.46
C LYS B 202 6.80 6.96 4.69
N ASP B 203 7.32 6.28 5.72
CA ASP B 203 7.76 6.92 6.96
C ASP B 203 9.25 7.40 6.90
N GLY B 204 9.87 7.21 5.75
CA GLY B 204 11.24 7.67 5.58
C GLY B 204 12.26 6.88 6.36
N ARG B 205 12.00 5.59 6.64
N ARG B 205 12.00 5.59 6.64
CA ARG B 205 12.95 4.75 7.37
CA ARG B 205 12.94 4.73 7.35
C ARG B 205 14.06 4.21 6.44
C ARG B 205 14.09 4.29 6.44
N GLY B 206 13.90 4.46 5.15
CA GLY B 206 14.92 4.14 4.14
C GLY B 206 14.75 5.06 2.95
N VAL B 207 15.74 5.09 2.05
CA VAL B 207 15.74 6.06 0.96
C VAL B 207 15.11 5.42 -0.29
N ALA B 208 15.07 4.06 -0.27
CA ALA B 208 14.50 3.29 -1.38
C ALA B 208 14.05 1.91 -0.86
N LEU B 209 13.37 1.16 -1.74
CA LEU B 209 12.82 -0.14 -1.40
C LEU B 209 12.94 -0.98 -2.65
N ALA B 210 13.48 -2.16 -2.51
CA ALA B 210 13.68 -3.12 -3.64
C ALA B 210 12.70 -4.26 -3.58
N HIS B 211 12.21 -4.70 -4.75
CA HIS B 211 11.22 -5.76 -4.79
C HIS B 211 10.98 -6.17 -6.24
N ASP B 212 10.10 -7.13 -6.49
CA ASP B 212 9.63 -7.43 -7.84
C ASP B 212 9.14 -6.15 -8.55
N ASN B 213 9.59 -5.88 -9.79
CA ASN B 213 9.18 -4.64 -10.43
C ASN B 213 7.66 -4.59 -10.66
N ALA B 214 7.06 -5.72 -10.97
CA ALA B 214 5.63 -5.74 -11.17
C ALA B 214 4.89 -5.24 -9.91
N LEU B 215 5.29 -5.72 -8.72
CA LEU B 215 4.68 -5.26 -7.50
C LEU B 215 4.94 -3.75 -7.34
N LEU B 216 6.15 -3.31 -7.70
CA LEU B 216 6.55 -1.91 -7.48
C LEU B 216 5.76 -0.92 -8.35
N TRP B 217 5.56 -1.30 -9.62
CA TRP B 217 4.72 -0.53 -10.51
C TRP B 217 3.29 -0.42 -9.97
N ALA B 218 2.73 -1.54 -9.46
CA ALA B 218 1.32 -1.57 -9.04
C ALA B 218 1.17 -0.70 -7.76
N TRP B 219 2.12 -0.85 -6.84
CA TRP B 219 2.11 -0.01 -5.68
C TRP B 219 2.27 1.50 -6.03
N ALA B 220 3.22 1.83 -6.91
CA ALA B 220 3.49 3.22 -7.23
C ALA B 220 2.29 3.89 -7.89
N LYS B 221 1.54 3.13 -8.65
CA LYS B 221 0.31 3.62 -9.25
C LYS B 221 -0.59 4.28 -8.19
N GLU B 222 -0.60 3.78 -6.96
CA GLU B 222 -1.53 4.32 -5.97
C GLU B 222 -0.85 5.27 -5.01
N ASN B 223 0.47 5.39 -5.16
CA ASN B 223 1.38 6.14 -4.24
C ASN B 223 2.30 7.02 -5.10
N PRO B 224 1.71 8.05 -5.71
CA PRO B 224 2.40 8.74 -6.77
C PRO B 224 3.51 9.68 -6.31
N ASN B 225 3.76 9.77 -5.00
CA ASN B 225 4.94 10.53 -4.62
C ASN B 225 6.21 9.64 -4.78
N PHE B 226 5.99 8.39 -5.16
CA PHE B 226 7.08 7.49 -5.43
C PHE B 226 7.17 7.12 -6.91
N GLU B 227 8.37 6.79 -7.36
CA GLU B 227 8.53 6.24 -8.71
C GLU B 227 9.50 5.06 -8.76
N VAL B 228 9.27 4.16 -9.68
CA VAL B 228 10.17 3.00 -9.81
C VAL B 228 11.33 3.42 -10.74
N ALA B 229 12.25 4.23 -10.21
CA ALA B 229 13.29 4.88 -11.00
C ALA B 229 14.42 3.90 -11.44
N ILE B 230 14.47 2.73 -10.83
CA ILE B 230 15.17 1.61 -11.41
C ILE B 230 14.13 0.54 -11.74
N GLY B 231 13.78 0.36 -13.02
CA GLY B 231 12.74 -0.61 -13.36
C GLY B 231 13.19 -2.08 -13.43
N ASN B 232 14.52 -2.30 -13.53
CA ASN B 232 15.08 -3.60 -13.91
C ASN B 232 16.51 -3.76 -13.42
N LEU B 233 16.75 -4.80 -12.62
CA LEU B 233 18.06 -5.09 -12.03
C LEU B 233 18.75 -6.35 -12.63
N GLY B 234 18.35 -6.74 -13.85
CA GLY B 234 18.84 -8.04 -14.43
C GLY B 234 17.80 -8.83 -15.22
N PRO B 235 18.22 -9.87 -16.01
CA PRO B 235 17.14 -10.67 -16.63
C PRO B 235 16.04 -11.20 -15.67
N ALA B 236 14.84 -11.22 -16.25
CA ALA B 236 13.66 -11.77 -15.61
C ALA B 236 13.92 -13.22 -15.14
N GLU B 237 13.36 -13.55 -13.98
CA GLU B 237 13.36 -14.90 -13.50
C GLU B 237 11.90 -15.35 -13.57
N PHE B 238 11.68 -16.65 -13.45
CA PHE B 238 10.35 -17.26 -13.43
C PHE B 238 9.73 -17.36 -12.07
N ILE B 239 8.43 -17.19 -12.06
CA ILE B 239 7.66 -17.45 -10.90
C ILE B 239 6.88 -18.74 -11.17
N ALA B 240 6.80 -19.62 -10.15
CA ALA B 240 6.29 -20.96 -10.36
C ALA B 240 5.64 -21.50 -9.10
N PRO B 241 4.74 -22.45 -9.22
CA PRO B 241 4.25 -23.10 -7.98
C PRO B 241 5.36 -23.95 -7.37
N ALA B 242 5.33 -24.21 -6.06
CA ALA B 242 6.28 -25.15 -5.46
C ALA B 242 5.63 -26.19 -4.59
N VAL B 243 6.15 -27.42 -4.67
CA VAL B 243 5.70 -28.50 -3.81
C VAL B 243 6.89 -28.92 -2.93
N GLN B 244 6.57 -29.76 -1.94
CA GLN B 244 7.61 -30.39 -1.11
C GLN B 244 8.65 -31.13 -1.96
N LYS B 245 9.92 -31.02 -1.58
CA LYS B 245 11.03 -31.70 -2.26
C LYS B 245 10.80 -33.19 -2.38
N GLY B 246 10.91 -33.74 -3.58
CA GLY B 246 10.57 -35.16 -3.78
C GLY B 246 9.09 -35.51 -4.01
N ASN B 247 8.18 -34.53 -3.95
CA ASN B 247 6.76 -34.81 -4.17
C ASN B 247 6.51 -34.81 -5.68
N ALA B 248 7.05 -35.85 -6.34
CA ALA B 248 6.92 -35.92 -7.76
C ALA B 248 5.48 -36.15 -8.17
N ASP B 249 4.68 -36.83 -7.35
CA ASP B 249 3.26 -37.05 -7.69
C ASP B 249 2.53 -35.72 -7.89
N LEU B 250 2.55 -34.86 -6.87
CA LEU B 250 1.87 -33.56 -7.01
C LEU B 250 2.52 -32.66 -8.04
N LEU B 251 3.85 -32.69 -8.07
CA LEU B 251 4.61 -31.95 -9.05
C LEU B 251 4.15 -32.21 -10.49
N ASN B 252 4.10 -33.50 -10.84
CA ASN B 252 3.78 -33.91 -12.19
C ASN B 252 2.37 -33.42 -12.53
N TRP B 253 1.41 -33.57 -11.60
CA TRP B 253 0.04 -33.13 -11.82
C TRP B 253 -0.07 -31.62 -11.98
N VAL B 254 0.62 -30.87 -11.11
CA VAL B 254 0.70 -29.42 -11.23
C VAL B 254 1.30 -28.99 -12.59
N ASN B 255 2.35 -29.68 -13.03
CA ASN B 255 2.92 -29.45 -14.35
C ASN B 255 1.90 -29.51 -15.50
N GLY B 256 1.11 -30.58 -15.55
CA GLY B 256 0.12 -30.78 -16.58
C GLY B 256 -0.96 -29.71 -16.54
N GLU B 257 -1.33 -29.31 -15.32
CA GLU B 257 -2.33 -28.25 -15.10
C GLU B 257 -1.89 -26.91 -15.63
N ILE B 258 -0.69 -26.51 -15.27
CA ILE B 258 -0.14 -25.27 -15.77
C ILE B 258 -0.08 -25.31 -17.28
N ALA B 259 0.47 -26.39 -17.84
CA ALA B 259 0.55 -26.52 -19.31
C ALA B 259 -0.83 -26.33 -19.93
N ALA B 260 -1.84 -27.04 -19.41
CA ALA B 260 -3.20 -26.95 -19.95
C ALA B 260 -3.82 -25.52 -19.86
N MET B 261 -3.59 -24.86 -18.74
CA MET B 261 -3.99 -23.48 -18.50
C MET B 261 -3.39 -22.47 -19.48
N LYS B 262 -2.14 -22.70 -19.86
CA LYS B 262 -1.50 -21.94 -20.92
C LYS B 262 -2.21 -22.11 -22.23
N LYS B 263 -2.55 -23.36 -22.57
CA LYS B 263 -3.12 -23.70 -23.86
C LYS B 263 -4.60 -23.32 -23.97
N ASP B 264 -5.34 -23.40 -22.87
CA ASP B 264 -6.81 -23.23 -22.94
C ASP B 264 -7.37 -21.86 -22.52
N GLY B 265 -6.47 -20.93 -22.23
CA GLY B 265 -6.88 -19.55 -21.95
C GLY B 265 -7.08 -19.18 -20.48
N ARG B 266 -6.99 -20.15 -19.56
CA ARG B 266 -7.29 -19.93 -18.14
C ARG B 266 -6.24 -19.03 -17.51
N LEU B 267 -4.97 -19.20 -17.88
CA LEU B 267 -3.91 -18.27 -17.47
C LEU B 267 -4.17 -16.84 -18.05
N LYS B 268 -4.39 -16.72 -19.34
CA LYS B 268 -4.78 -15.41 -19.93
C LYS B 268 -6.04 -14.75 -19.23
N ALA B 269 -7.07 -15.54 -18.94
CA ALA B 269 -8.22 -15.07 -18.17
C ALA B 269 -7.84 -14.53 -16.79
N ALA B 270 -6.95 -15.25 -16.10
CA ALA B 270 -6.49 -14.85 -14.80
C ALA B 270 -5.77 -13.50 -14.92
N TYR B 271 -4.91 -13.35 -15.93
CA TYR B 271 -4.21 -12.09 -16.17
C TYR B 271 -5.26 -10.95 -16.44
N GLU B 272 -6.29 -11.25 -17.20
CA GLU B 272 -7.27 -10.24 -17.60
C GLU B 272 -8.13 -9.80 -16.42
N LYS B 273 -8.41 -10.72 -15.54
CA LYS B 273 -9.16 -10.36 -14.34
C LYS B 273 -8.32 -9.56 -13.29
N THR B 274 -7.03 -9.86 -13.15
CA THR B 274 -6.32 -9.36 -11.96
C THR B 274 -5.14 -8.45 -12.26
N LEU B 275 -4.53 -8.60 -13.44
CA LEU B 275 -3.34 -7.82 -13.80
C LEU B 275 -3.60 -6.68 -14.79
N LEU B 276 -4.35 -6.95 -15.84
CA LEU B 276 -4.73 -5.95 -16.83
C LEU B 276 -5.35 -4.70 -16.25
N PRO B 277 -6.25 -4.85 -15.26
CA PRO B 277 -6.82 -3.60 -14.74
C PRO B 277 -5.78 -2.70 -14.09
N VAL B 278 -4.68 -3.30 -13.61
CA VAL B 278 -3.62 -2.56 -12.96
C VAL B 278 -2.66 -1.96 -13.98
N TYR B 279 -2.08 -2.79 -14.81
CA TYR B 279 -1.06 -2.32 -15.76
C TYR B 279 -1.60 -1.72 -17.06
N GLY B 280 -2.85 -2.04 -17.44
CA GLY B 280 -3.40 -1.54 -18.72
C GLY B 280 -2.52 -1.96 -19.91
N GLU B 281 -2.34 -1.07 -20.89
CA GLU B 281 -1.45 -1.33 -22.02
C GLU B 281 0.06 -1.11 -21.73
N LYS B 282 0.35 -0.55 -20.55
CA LYS B 282 1.73 -0.22 -20.13
C LYS B 282 2.62 -1.45 -19.96
N VAL B 283 2.00 -2.62 -19.76
CA VAL B 283 2.74 -3.88 -19.62
C VAL B 283 2.06 -4.97 -20.45
N LYS B 284 2.68 -5.37 -21.56
CA LYS B 284 2.17 -6.38 -22.47
C LYS B 284 2.05 -7.73 -21.74
N PRO B 285 0.99 -8.49 -22.03
CA PRO B 285 0.81 -9.79 -21.37
C PRO B 285 1.95 -10.77 -21.61
N GLU B 286 2.56 -10.75 -22.78
CA GLU B 286 3.74 -11.57 -23.01
C GLU B 286 4.97 -11.18 -22.16
N ALA B 287 4.95 -9.98 -21.57
CA ALA B 287 6.05 -9.56 -20.70
C ALA B 287 5.90 -10.16 -19.29
N LEU B 288 4.68 -10.53 -18.92
CA LEU B 288 4.45 -11.08 -17.59
C LEU B 288 4.23 -12.58 -17.62
N LEU B 289 3.46 -13.06 -18.59
CA LEU B 289 3.14 -14.47 -18.64
C LEU B 289 4.31 -15.32 -19.19
N ALA B 290 4.60 -16.41 -18.49
CA ALA B 290 5.49 -17.46 -19.00
C ALA B 290 4.85 -18.24 -20.15
N GLU B 291 5.62 -18.55 -21.19
CA GLU B 291 5.16 -19.47 -22.25
C GLU B 291 5.11 -20.99 -21.78
N ALA C 46 -8.79 29.41 -41.85
CA ALA C 46 -7.98 30.36 -41.02
C ALA C 46 -6.55 30.16 -41.46
N THR C 47 -6.33 30.24 -42.76
CA THR C 47 -4.97 30.19 -43.25
C THR C 47 -4.21 31.46 -42.82
N VAL C 48 -2.87 31.38 -42.89
CA VAL C 48 -2.02 32.58 -42.79
C VAL C 48 -2.57 33.75 -43.62
N ALA C 49 -2.79 33.52 -44.92
CA ALA C 49 -3.38 34.56 -45.80
C ALA C 49 -4.73 35.05 -45.34
N ALA C 50 -5.68 34.15 -45.07
CA ALA C 50 -7.00 34.58 -44.62
C ALA C 50 -6.88 35.54 -43.39
N ILE C 51 -5.97 35.21 -42.48
CA ILE C 51 -5.87 35.95 -41.23
C ILE C 51 -5.25 37.35 -41.46
N LYS C 52 -4.23 37.42 -42.31
CA LYS C 52 -3.65 38.71 -42.69
C LYS C 52 -4.64 39.59 -43.40
N GLU C 53 -5.46 39.03 -44.28
CA GLU C 53 -6.58 39.77 -44.87
C GLU C 53 -7.58 40.32 -43.84
N LYS C 54 -8.05 39.52 -42.85
CA LYS C 54 -8.96 40.00 -41.78
C LYS C 54 -8.31 41.08 -40.91
N GLY C 55 -6.99 41.02 -40.75
CA GLY C 55 -6.26 41.97 -39.95
C GLY C 55 -6.24 41.69 -38.43
N VAL C 56 -6.74 40.52 -38.03
CA VAL C 56 -6.90 40.18 -36.63
C VAL C 56 -6.86 38.66 -36.53
N ILE C 57 -6.22 38.15 -35.48
CA ILE C 57 -6.23 36.70 -35.24
C ILE C 57 -7.01 36.43 -33.95
N ARG C 58 -7.96 35.51 -34.01
CA ARG C 58 -8.77 35.18 -32.83
C ARG C 58 -8.10 34.05 -32.14
N ILE C 59 -7.71 34.28 -30.89
CA ILE C 59 -6.99 33.28 -30.07
C ILE C 59 -7.72 32.93 -28.77
N GLY C 60 -7.90 31.63 -28.55
CA GLY C 60 -8.56 31.11 -27.39
C GLY C 60 -7.54 31.04 -26.29
N VAL C 61 -7.86 31.67 -25.16
CA VAL C 61 -7.02 31.70 -23.97
C VAL C 61 -7.86 31.52 -22.72
N PHE C 62 -7.22 31.16 -21.62
CA PHE C 62 -7.92 31.14 -20.33
C PHE C 62 -8.15 32.53 -19.82
N GLY C 63 -9.30 32.73 -19.18
CA GLY C 63 -9.52 33.90 -18.37
C GLY C 63 -9.23 33.78 -16.88
N ASP C 64 -9.01 32.57 -16.37
CA ASP C 64 -8.90 32.39 -14.91
C ASP C 64 -7.94 31.30 -14.55
N LYS C 65 -6.86 31.18 -15.33
CA LYS C 65 -5.73 30.31 -15.02
C LYS C 65 -4.42 31.08 -14.89
N PRO C 66 -4.33 32.06 -13.97
CA PRO C 66 -3.01 32.74 -13.75
C PRO C 66 -2.03 31.72 -13.21
N PRO C 67 -0.74 31.81 -13.58
CA PRO C 67 -0.14 32.90 -14.35
C PRO C 67 -0.15 32.62 -15.87
N PHE C 68 -0.93 31.66 -16.33
CA PHE C 68 -0.87 31.23 -17.74
C PHE C 68 -1.77 32.05 -18.68
N GLY C 69 -3.03 32.23 -18.29
CA GLY C 69 -3.92 33.12 -18.97
C GLY C 69 -4.94 33.60 -17.96
N TYR C 70 -5.10 34.92 -17.90
CA TYR C 70 -6.02 35.56 -16.96
C TYR C 70 -6.30 36.96 -17.43
N VAL C 71 -7.15 37.63 -16.67
CA VAL C 71 -7.58 38.99 -16.92
C VAL C 71 -7.24 39.83 -15.71
N ASP C 72 -6.52 40.95 -15.90
CA ASP C 72 -6.03 41.77 -14.78
C ASP C 72 -7.13 42.78 -14.35
N ALA C 73 -6.86 43.52 -13.27
CA ALA C 73 -7.77 44.50 -12.69
C ALA C 73 -8.23 45.52 -13.71
N ASN C 74 -7.45 45.71 -14.76
CA ASN C 74 -7.80 46.70 -15.75
C ASN C 74 -8.53 46.09 -16.95
N GLY C 75 -8.92 44.82 -16.87
CA GLY C 75 -9.63 44.17 -17.95
C GLY C 75 -8.74 43.73 -19.12
N LYS C 76 -7.42 43.68 -18.94
CA LYS C 76 -6.50 43.19 -19.98
C LYS C 76 -6.05 41.75 -19.73
N ASN C 77 -6.04 40.96 -20.81
CA ASN C 77 -5.44 39.63 -20.85
C ASN C 77 -3.96 39.64 -20.53
N GLN C 78 -3.52 38.74 -19.68
CA GLN C 78 -2.16 38.65 -19.25
C GLN C 78 -1.80 37.18 -19.05
N GLY C 79 -0.51 36.91 -18.85
CA GLY C 79 -0.05 35.56 -18.56
C GLY C 79 0.87 35.03 -19.65
N PHE C 80 1.48 33.89 -19.34
CA PHE C 80 2.53 33.30 -20.17
C PHE C 80 2.04 32.97 -21.58
N ASP C 81 0.84 32.38 -21.68
CA ASP C 81 0.23 32.00 -22.98
C ASP C 81 -0.12 33.27 -23.79
N VAL C 82 -0.56 34.30 -23.08
CA VAL C 82 -0.96 35.57 -23.71
C VAL C 82 0.24 36.32 -24.28
N GLU C 83 1.37 36.25 -23.58
CA GLU C 83 2.63 36.75 -24.13
C GLU C 83 3.01 36.07 -25.47
N ILE C 84 2.94 34.74 -25.46
CA ILE C 84 3.21 33.98 -26.69
C ILE C 84 2.28 34.39 -27.82
N ALA C 85 0.98 34.50 -27.52
CA ALA C 85 -0.02 34.97 -28.47
C ALA C 85 0.35 36.36 -29.03
N LYS C 86 0.80 37.26 -28.16
CA LYS C 86 1.12 38.64 -28.56
C LYS C 86 2.32 38.66 -29.53
N ASP C 87 3.32 37.85 -29.23
CA ASP C 87 4.46 37.67 -30.12
C ASP C 87 4.07 37.14 -31.51
N LEU C 88 3.13 36.17 -31.53
CA LEU C 88 2.62 35.60 -32.79
C LEU C 88 1.93 36.68 -33.61
N ALA C 89 1.02 37.43 -32.99
CA ALA C 89 0.31 38.54 -33.67
C ALA C 89 1.29 39.58 -34.20
N LYS C 90 2.25 39.92 -33.39
CA LYS C 90 3.21 40.92 -33.87
C LYS C 90 3.90 40.49 -35.18
N ASP C 91 4.36 39.24 -35.23
CA ASP C 91 5.00 38.69 -36.46
C ASP C 91 4.00 38.54 -37.61
N LEU C 92 2.80 38.08 -37.27
CA LEU C 92 1.81 37.80 -38.29
C LEU C 92 1.24 39.08 -38.88
N LEU C 93 0.89 40.03 -38.01
CA LEU C 93 0.03 41.14 -38.36
C LEU C 93 0.71 42.49 -38.20
N GLY C 94 1.83 42.48 -37.49
CA GLY C 94 2.70 43.64 -37.39
C GLY C 94 2.55 44.38 -36.08
N SER C 95 1.71 43.86 -35.19
CA SER C 95 1.34 44.49 -33.93
C SER C 95 0.82 43.45 -32.92
N PRO C 96 1.36 43.48 -31.70
CA PRO C 96 0.81 42.60 -30.63
C PRO C 96 -0.65 42.89 -30.24
N ASP C 97 -1.23 43.99 -30.71
CA ASP C 97 -2.58 44.38 -30.32
C ASP C 97 -3.63 43.85 -31.26
N LYS C 98 -3.19 43.11 -32.27
CA LYS C 98 -4.09 42.61 -33.30
C LYS C 98 -4.57 41.20 -32.96
N VAL C 99 -4.66 40.89 -31.67
CA VAL C 99 -5.30 39.65 -31.26
C VAL C 99 -6.70 40.01 -30.75
N GLU C 100 -7.69 39.22 -31.16
CA GLU C 100 -8.94 39.19 -30.46
C GLU C 100 -8.88 37.99 -29.51
N PHE C 101 -8.75 38.22 -28.21
CA PHE C 101 -8.71 37.10 -27.24
C PHE C 101 -10.09 36.58 -26.97
N VAL C 102 -10.30 35.28 -27.13
CA VAL C 102 -11.55 34.69 -26.79
C VAL C 102 -11.33 33.78 -25.56
N LEU C 103 -11.98 34.10 -24.43
CA LEU C 103 -11.85 33.38 -23.16
C LEU C 103 -12.56 32.07 -23.27
N THR C 104 -11.85 31.01 -22.93
CA THR C 104 -12.28 29.68 -23.24
C THR C 104 -12.18 28.80 -22.00
N GLU C 105 -13.24 28.12 -21.63
CA GLU C 105 -13.09 27.10 -20.59
C GLU C 105 -12.46 25.80 -21.09
N ALA C 106 -11.84 25.07 -20.16
CA ALA C 106 -11.12 23.84 -20.53
C ALA C 106 -11.92 22.94 -21.50
N ALA C 107 -13.15 22.64 -21.17
CA ALA C 107 -14.00 21.73 -21.97
C ALA C 107 -14.37 22.21 -23.36
N ASN C 108 -14.11 23.47 -23.68
CA ASN C 108 -14.59 24.10 -24.92
C ASN C 108 -13.45 24.32 -25.92
N ARG C 109 -12.23 24.03 -25.52
CA ARG C 109 -11.09 24.31 -26.40
C ARG C 109 -11.22 23.64 -27.76
N VAL C 110 -11.57 22.34 -27.76
CA VAL C 110 -11.63 21.60 -28.99
C VAL C 110 -12.78 22.13 -29.87
N GLU C 111 -13.97 22.20 -29.32
CA GLU C 111 -15.10 22.80 -30.02
C GLU C 111 -14.86 24.21 -30.60
N TYR C 112 -14.19 25.08 -29.83
CA TYR C 112 -13.97 26.45 -30.32
C TYR C 112 -13.05 26.49 -31.56
N VAL C 113 -11.99 25.67 -31.55
CA VAL C 113 -11.14 25.68 -32.72
C VAL C 113 -11.77 24.89 -33.90
N ARG C 114 -12.45 23.79 -33.59
N ARG C 114 -12.44 23.77 -33.59
CA ARG C 114 -13.11 22.92 -34.57
CA ARG C 114 -13.12 22.95 -34.60
C ARG C 114 -14.27 23.63 -35.32
C ARG C 114 -14.18 23.74 -35.37
N SER C 115 -14.91 24.60 -34.66
CA SER C 115 -16.03 25.33 -35.27
C SER C 115 -15.58 26.65 -35.90
N GLY C 116 -14.29 27.01 -35.75
CA GLY C 116 -13.79 28.25 -36.33
C GLY C 116 -14.14 29.49 -35.50
N LYS C 117 -14.65 29.33 -34.28
CA LYS C 117 -14.82 30.47 -33.35
C LYS C 117 -13.46 31.10 -32.96
N VAL C 118 -12.41 30.29 -32.94
CA VAL C 118 -11.06 30.82 -32.82
C VAL C 118 -10.16 30.25 -33.93
N ASP C 119 -9.10 30.99 -34.24
CA ASP C 119 -8.11 30.52 -35.23
C ASP C 119 -7.03 29.62 -34.60
N LEU C 120 -6.77 29.81 -33.30
CA LEU C 120 -5.68 29.20 -32.62
C LEU C 120 -6.05 29.05 -31.14
N ILE C 121 -5.61 27.96 -30.51
CA ILE C 121 -5.83 27.75 -29.08
C ILE C 121 -4.49 27.88 -28.43
N LEU C 122 -4.43 28.76 -27.43
CA LEU C 122 -3.28 28.97 -26.58
C LEU C 122 -3.81 29.03 -25.14
N ALA C 123 -4.83 28.25 -24.88
CA ALA C 123 -5.40 28.12 -23.53
C ALA C 123 -4.69 26.97 -22.84
N ASN C 124 -3.44 27.23 -22.48
CA ASN C 124 -2.53 26.28 -21.78
C ASN C 124 -2.92 24.80 -21.98
N PHE C 125 -2.73 24.33 -23.21
CA PHE C 125 -3.41 23.15 -23.75
C PHE C 125 -2.48 21.93 -23.87
N THR C 126 -2.73 20.90 -23.05
CA THR C 126 -1.88 19.75 -23.06
C THR C 126 -2.15 18.91 -24.28
N GLN C 127 -1.09 18.51 -24.96
N GLN C 127 -1.09 18.49 -24.98
CA GLN C 127 -1.25 17.63 -26.08
CA GLN C 127 -1.24 17.63 -26.17
C GLN C 127 -1.53 16.26 -25.49
C GLN C 127 -1.31 16.16 -25.77
N THR C 128 -2.41 15.51 -26.13
CA THR C 128 -2.58 14.11 -25.77
C THR C 128 -2.98 13.40 -27.07
N PRO C 129 -2.69 12.09 -27.20
CA PRO C 129 -3.13 11.37 -28.43
C PRO C 129 -4.63 11.57 -28.79
N GLU C 130 -5.50 11.55 -27.78
CA GLU C 130 -6.93 11.60 -28.04
C GLU C 130 -7.32 12.99 -28.56
N ARG C 131 -6.75 14.04 -27.95
CA ARG C 131 -6.98 15.39 -28.44
C ARG C 131 -6.43 15.59 -29.86
N ALA C 132 -5.27 14.99 -30.16
CA ALA C 132 -4.68 15.04 -31.52
C ALA C 132 -5.58 14.38 -32.60
N GLU C 133 -6.54 13.58 -32.17
CA GLU C 133 -7.51 13.04 -33.13
C GLU C 133 -8.47 14.13 -33.59
N ALA C 134 -8.62 15.17 -32.77
CA ALA C 134 -9.63 16.19 -32.97
C ALA C 134 -9.07 17.56 -33.46
N VAL C 135 -7.83 17.87 -33.08
CA VAL C 135 -7.20 19.11 -33.49
C VAL C 135 -5.75 18.84 -33.91
N ASP C 136 -5.07 19.81 -34.54
CA ASP C 136 -3.62 19.66 -34.80
C ASP C 136 -2.76 20.51 -33.83
N PHE C 137 -1.82 19.87 -33.17
CA PHE C 137 -0.92 20.58 -32.29
C PHE C 137 0.33 21.06 -32.98
N ALA C 138 0.72 22.29 -32.68
CA ALA C 138 2.01 22.80 -33.11
C ALA C 138 3.10 22.37 -32.13
N ASP C 139 4.33 22.86 -32.36
CA ASP C 139 5.47 22.53 -31.52
C ASP C 139 5.08 22.96 -30.08
N PRO C 140 5.38 22.13 -29.09
CA PRO C 140 5.18 22.49 -27.70
C PRO C 140 6.06 23.65 -27.22
N TYR C 141 5.55 24.43 -26.23
CA TYR C 141 6.36 25.51 -25.60
C TYR C 141 6.57 25.27 -24.13
N MET C 142 5.84 24.33 -23.55
CA MET C 142 6.07 24.06 -22.15
C MET C 142 5.71 22.64 -21.76
N LYS C 143 6.15 22.21 -20.58
CA LYS C 143 5.91 20.87 -20.05
C LYS C 143 5.17 20.91 -18.74
N VAL C 144 4.34 19.93 -18.46
CA VAL C 144 3.67 19.97 -17.20
C VAL C 144 3.29 18.57 -16.78
N ALA C 145 3.22 18.34 -15.48
CA ALA C 145 2.70 17.11 -14.90
C ALA C 145 1.48 17.48 -14.08
N LEU C 146 0.68 16.52 -13.70
CA LEU C 146 -0.43 16.78 -12.80
C LEU C 146 0.05 16.76 -11.37
N GLY C 147 -0.70 17.42 -10.48
CA GLY C 147 -0.48 17.36 -9.03
C GLY C 147 -1.81 17.32 -8.33
N VAL C 148 -1.75 17.23 -7.02
CA VAL C 148 -2.95 17.25 -6.19
C VAL C 148 -2.69 18.18 -4.99
N VAL C 149 -3.63 19.09 -4.73
CA VAL C 149 -3.50 20.06 -3.65
C VAL C 149 -4.60 19.75 -2.65
N SER C 150 -4.30 19.92 -1.36
CA SER C 150 -5.17 19.61 -0.24
C SER C 150 -4.85 20.47 0.96
N PRO C 151 -5.75 20.54 1.95
CA PRO C 151 -5.42 21.44 3.05
C PRO C 151 -4.26 20.90 3.87
N LYS C 152 -3.45 21.79 4.42
CA LYS C 152 -2.33 21.40 5.29
C LYS C 152 -2.74 20.70 6.58
N ASN C 153 -3.96 20.89 7.02
CA ASN C 153 -4.39 20.12 8.18
C ASN C 153 -4.89 18.70 7.83
N LYS C 154 -5.05 18.37 6.55
CA LYS C 154 -5.57 17.04 6.14
C LYS C 154 -4.97 16.67 4.75
N PRO C 155 -3.64 16.64 4.69
CA PRO C 155 -2.96 16.46 3.39
C PRO C 155 -3.17 15.10 2.73
N ILE C 156 -3.40 15.17 1.43
CA ILE C 156 -3.64 14.00 0.64
C ILE C 156 -2.33 13.66 -0.10
N THR C 157 -1.75 12.52 0.26
CA THR C 157 -0.59 12.01 -0.39
C THR C 157 -0.74 10.70 -1.18
N ASP C 158 -1.82 9.94 -0.99
CA ASP C 158 -2.04 8.73 -1.79
C ASP C 158 -3.49 8.53 -2.16
N MET C 159 -3.76 7.58 -3.08
CA MET C 159 -5.12 7.39 -3.60
C MET C 159 -6.07 6.75 -2.62
N ALA C 160 -5.56 5.92 -1.73
CA ALA C 160 -6.41 5.24 -0.76
C ALA C 160 -7.08 6.24 0.16
N GLN C 161 -6.40 7.35 0.36
CA GLN C 161 -6.96 8.45 1.14
C GLN C 161 -8.11 9.12 0.41
N LEU C 162 -8.16 8.92 -0.90
CA LEU C 162 -9.23 9.39 -1.70
C LEU C 162 -10.36 8.40 -1.95
N LYS C 163 -10.42 7.29 -1.20
CA LYS C 163 -11.39 6.22 -1.53
C LYS C 163 -12.82 6.61 -1.22
N ASP C 164 -13.01 6.95 0.03
CA ASP C 164 -14.32 7.33 0.55
C ASP C 164 -14.80 8.74 0.08
N GLN C 165 -14.13 9.34 -0.91
CA GLN C 165 -14.13 10.79 -0.93
C GLN C 165 -14.22 11.54 -2.23
N THR C 166 -14.49 12.84 -2.12
CA THR C 166 -14.62 13.64 -3.31
C THR C 166 -13.30 14.35 -3.69
N LEU C 167 -12.88 14.17 -4.95
CA LEU C 167 -11.80 14.98 -5.52
C LEU C 167 -12.39 15.98 -6.51
N LEU C 168 -11.92 17.24 -6.44
CA LEU C 168 -12.39 18.31 -7.34
C LEU C 168 -11.52 18.44 -8.55
N VAL C 169 -12.16 18.62 -9.70
CA VAL C 169 -11.41 18.87 -10.91
C VAL C 169 -12.16 19.88 -11.72
N ASN C 170 -11.39 20.55 -12.57
CA ASN C 170 -11.95 21.41 -13.61
C ASN C 170 -12.39 20.50 -14.79
N LYS C 171 -13.64 20.61 -15.18
CA LYS C 171 -14.18 19.74 -16.23
C LYS C 171 -13.42 19.92 -17.56
N GLY C 172 -13.08 18.82 -18.20
CA GLY C 172 -12.40 18.91 -19.50
C GLY C 172 -10.88 18.97 -19.40
N THR C 173 -10.33 18.86 -18.20
CA THR C 173 -8.90 18.92 -18.09
C THR C 173 -8.24 17.54 -18.14
N THR C 174 -6.91 17.58 -18.25
CA THR C 174 -6.19 16.30 -18.19
C THR C 174 -6.38 15.68 -16.84
N ALA C 175 -6.56 16.47 -15.79
CA ALA C 175 -6.73 15.86 -14.47
C ALA C 175 -8.04 15.10 -14.41
N ASP C 176 -9.11 15.70 -14.92
CA ASP C 176 -10.38 15.03 -15.11
C ASP C 176 -10.19 13.75 -15.92
N ALA C 177 -9.57 13.82 -17.09
CA ALA C 177 -9.42 12.59 -17.92
C ALA C 177 -8.53 11.51 -17.23
N PHE C 178 -7.52 11.94 -16.52
CA PHE C 178 -6.60 11.02 -15.87
C PHE C 178 -7.25 10.15 -14.78
N PHE C 179 -7.93 10.80 -13.82
CA PHE C 179 -8.70 10.12 -12.80
C PHE C 179 -9.86 9.30 -13.34
N THR C 180 -10.56 9.78 -14.38
CA THR C 180 -11.65 9.03 -14.96
C THR C 180 -11.10 7.69 -15.52
N LYS C 181 -9.97 7.75 -16.21
CA LYS C 181 -9.43 6.60 -16.86
C LYS C 181 -8.64 5.71 -15.88
N SER C 182 -7.77 6.32 -15.05
CA SER C 182 -6.82 5.53 -14.31
C SER C 182 -7.22 5.23 -12.90
N HIS C 183 -8.02 6.11 -12.30
CA HIS C 183 -8.51 5.92 -10.90
C HIS C 183 -10.05 5.98 -10.72
N PRO C 184 -10.77 5.07 -11.39
CA PRO C 184 -12.26 5.15 -11.33
C PRO C 184 -12.86 4.91 -9.93
N GLU C 185 -12.04 4.49 -8.97
CA GLU C 185 -12.43 4.28 -7.59
C GLU C 185 -12.48 5.61 -6.84
N VAL C 186 -12.07 6.69 -7.51
CA VAL C 186 -12.13 8.04 -6.96
C VAL C 186 -13.33 8.82 -7.48
N LYS C 187 -14.11 9.37 -6.55
CA LYS C 187 -15.31 10.13 -6.86
C LYS C 187 -14.87 11.55 -7.28
N LEU C 188 -15.37 11.99 -8.45
CA LEU C 188 -15.07 13.31 -9.00
C LEU C 188 -16.24 14.27 -8.88
N LEU C 189 -15.98 15.50 -8.47
CA LEU C 189 -16.96 16.58 -8.67
C LEU C 189 -16.25 17.58 -9.56
N LYS C 190 -16.94 17.97 -10.63
CA LYS C 190 -16.35 18.72 -11.72
C LYS C 190 -17.04 20.03 -11.86
N PHE C 191 -16.28 21.09 -12.13
CA PHE C 191 -16.86 22.42 -12.34
C PHE C 191 -16.43 22.92 -13.70
N ASP C 192 -17.31 23.71 -14.34
CA ASP C 192 -16.98 24.35 -15.62
C ASP C 192 -15.72 25.27 -15.56
N GLN C 193 -15.53 25.94 -14.42
CA GLN C 193 -14.55 27.02 -14.34
C GLN C 193 -13.52 26.67 -13.29
N ASN C 194 -12.29 27.18 -13.49
CA ASN C 194 -11.23 27.07 -12.49
C ASN C 194 -11.56 27.78 -11.19
N THR C 195 -12.09 28.96 -11.32
CA THR C 195 -12.56 29.81 -10.26
C THR C 195 -13.54 29.07 -9.28
N GLU C 196 -14.59 28.50 -9.84
CA GLU C 196 -15.52 27.65 -9.11
C GLU C 196 -14.86 26.45 -8.41
N THR C 197 -14.03 25.73 -9.17
CA THR C 197 -13.31 24.58 -8.69
C THR C 197 -12.48 24.92 -7.47
N PHE C 198 -11.71 26.00 -7.51
CA PHE C 198 -10.79 26.29 -6.41
C PHE C 198 -11.64 26.79 -5.22
N ASP C 199 -12.71 27.49 -5.55
CA ASP C 199 -13.62 27.93 -4.50
C ASP C 199 -14.31 26.74 -3.77
N ALA C 200 -14.68 25.69 -4.51
CA ALA C 200 -15.16 24.49 -3.90
C ALA C 200 -14.15 23.87 -2.91
N LEU C 201 -12.86 23.92 -3.25
CA LEU C 201 -11.86 23.33 -2.36
C LEU C 201 -11.91 24.09 -1.02
N LYS C 202 -11.85 25.43 -1.13
CA LYS C 202 -11.88 26.35 0.00
C LYS C 202 -13.13 26.19 0.87
N ASP C 203 -14.24 25.78 0.24
CA ASP C 203 -15.51 25.63 0.94
C ASP C 203 -15.64 24.21 1.50
N GLY C 204 -14.60 23.41 1.31
CA GLY C 204 -14.62 22.00 1.73
C GLY C 204 -15.55 21.08 0.99
N ARG C 205 -15.78 21.29 -0.31
CA ARG C 205 -16.73 20.42 -1.03
C ARG C 205 -16.00 19.17 -1.46
N GLY C 206 -14.69 19.20 -1.36
CA GLY C 206 -13.94 18.02 -1.65
C GLY C 206 -12.74 18.05 -0.77
N VAL C 207 -12.02 16.94 -0.68
CA VAL C 207 -10.87 16.81 0.22
C VAL C 207 -9.57 17.26 -0.47
N ALA C 208 -9.60 17.34 -1.80
CA ALA C 208 -8.44 17.68 -2.60
C ALA C 208 -8.87 18.16 -3.93
N LEU C 209 -7.91 18.56 -4.75
CA LEU C 209 -8.18 19.17 -6.05
C LEU C 209 -7.00 18.78 -6.93
N ALA C 210 -7.28 18.24 -8.12
CA ALA C 210 -6.25 17.78 -9.04
C ALA C 210 -6.24 18.68 -10.25
N HIS C 211 -5.02 19.06 -10.65
CA HIS C 211 -4.83 19.95 -11.80
C HIS C 211 -3.35 19.93 -12.24
N ASP C 212 -3.01 20.71 -13.25
CA ASP C 212 -1.59 20.94 -13.64
C ASP C 212 -0.78 21.36 -12.40
N ASN C 213 0.35 20.68 -12.11
CA ASN C 213 1.10 21.01 -10.87
C ASN C 213 1.54 22.46 -10.85
N ALA C 214 1.97 23.00 -11.99
CA ALA C 214 2.42 24.41 -12.02
C ALA C 214 1.31 25.37 -11.64
N LEU C 215 0.08 25.07 -12.02
CA LEU C 215 -1.03 25.88 -11.60
C LEU C 215 -1.19 25.71 -10.09
N LEU C 216 -1.10 24.49 -9.60
CA LEU C 216 -1.29 24.29 -8.16
C LEU C 216 -0.25 25.03 -7.32
N TRP C 217 1.04 25.03 -7.74
CA TRP C 217 2.05 25.70 -6.97
C TRP C 217 1.73 27.18 -6.89
N ALA C 218 1.21 27.76 -7.99
CA ALA C 218 1.03 29.19 -8.06
C ALA C 218 -0.20 29.56 -7.20
N TRP C 219 -1.19 28.70 -7.22
CA TRP C 219 -2.34 28.91 -6.43
C TRP C 219 -2.06 28.74 -4.95
N ALA C 220 -1.27 27.73 -4.58
CA ALA C 220 -0.99 27.47 -3.16
C ALA C 220 -0.15 28.60 -2.60
N LYS C 221 0.63 29.26 -3.48
CA LYS C 221 1.45 30.42 -3.03
C LYS C 221 0.59 31.54 -2.38
N GLU C 222 -0.65 31.69 -2.83
CA GLU C 222 -1.62 32.75 -2.39
C GLU C 222 -2.64 32.19 -1.41
N ASN C 223 -2.57 30.87 -1.19
CA ASN C 223 -3.48 30.16 -0.34
C ASN C 223 -2.72 29.21 0.59
N PRO C 224 -2.01 29.79 1.56
CA PRO C 224 -1.04 28.99 2.28
C PRO C 224 -1.63 28.01 3.30
N ASN C 225 -2.94 27.92 3.50
CA ASN C 225 -3.48 26.82 4.33
C ASN C 225 -3.51 25.50 3.47
N PHE C 226 -3.11 25.59 2.21
CA PHE C 226 -3.12 24.44 1.30
C PHE C 226 -1.72 24.10 0.86
N GLU C 227 -1.50 22.84 0.57
CA GLU C 227 -0.20 22.47 0.04
C GLU C 227 -0.33 21.49 -1.15
N VAL C 228 0.62 21.58 -2.05
CA VAL C 228 0.62 20.60 -3.15
C VAL C 228 1.34 19.29 -2.74
N ALA C 229 0.65 18.46 -1.95
CA ALA C 229 1.30 17.33 -1.24
C ALA C 229 1.59 16.15 -2.18
N ILE C 230 0.98 16.19 -3.36
CA ILE C 230 1.39 15.32 -4.44
C ILE C 230 1.87 16.25 -5.57
N GLY C 231 3.18 16.39 -5.72
CA GLY C 231 3.70 17.32 -6.74
C GLY C 231 3.68 16.80 -8.18
N ASN C 232 3.53 15.48 -8.35
CA ASN C 232 3.80 14.89 -9.63
C ASN C 232 3.05 13.61 -9.74
N LEU C 233 2.14 13.64 -10.69
CA LEU C 233 1.17 12.60 -10.73
C LEU C 233 1.06 12.25 -12.19
N GLY C 234 1.20 10.95 -12.51
CA GLY C 234 1.03 10.54 -13.90
C GLY C 234 2.21 10.98 -14.77
N PRO C 235 1.98 11.11 -16.13
CA PRO C 235 3.06 11.22 -17.11
C PRO C 235 3.45 12.65 -17.39
N ALA C 236 4.73 12.94 -17.61
CA ALA C 236 5.17 14.31 -17.96
C ALA C 236 4.72 14.69 -19.42
N GLU C 237 3.99 15.81 -19.61
CA GLU C 237 3.40 16.11 -20.91
C GLU C 237 3.71 17.50 -21.48
N PHE C 238 3.53 17.69 -22.78
CA PHE C 238 3.75 18.97 -23.37
C PHE C 238 2.50 19.82 -23.49
N ILE C 239 2.67 21.14 -23.38
CA ILE C 239 1.66 22.11 -23.63
C ILE C 239 2.01 22.83 -24.93
N ALA C 240 1.04 22.91 -25.85
CA ALA C 240 1.29 23.31 -27.26
C ALA C 240 0.15 24.15 -27.82
N PRO C 241 0.43 24.95 -28.86
CA PRO C 241 -0.71 25.62 -29.47
C PRO C 241 -1.44 24.58 -30.23
N ALA C 242 -2.72 24.85 -30.56
CA ALA C 242 -3.48 23.95 -31.40
C ALA C 242 -4.29 24.72 -32.43
N VAL C 243 -4.34 24.18 -33.65
CA VAL C 243 -5.16 24.74 -34.74
C VAL C 243 -6.21 23.71 -35.16
N GLN C 244 -7.13 24.13 -36.01
CA GLN C 244 -8.14 23.26 -36.58
C GLN C 244 -7.53 22.13 -37.37
N LYS C 245 -8.16 20.95 -37.28
CA LYS C 245 -7.62 19.73 -37.89
C LYS C 245 -7.45 20.00 -39.35
N GLY C 246 -6.28 19.71 -39.89
CA GLY C 246 -6.05 19.93 -41.30
C GLY C 246 -5.65 21.35 -41.72
N ASN C 247 -5.52 22.25 -40.76
CA ASN C 247 -5.03 23.58 -41.10
C ASN C 247 -3.49 23.59 -41.10
N ALA C 248 -2.91 22.97 -42.12
CA ALA C 248 -1.47 22.81 -42.24
C ALA C 248 -0.80 24.16 -42.44
N ASP C 249 -1.48 25.03 -43.16
CA ASP C 249 -0.91 26.34 -43.45
C ASP C 249 -0.64 27.10 -42.14
N LEU C 250 -1.65 27.29 -41.28
CA LEU C 250 -1.39 27.91 -40.01
C LEU C 250 -0.44 27.07 -39.13
N LEU C 251 -0.63 25.76 -39.09
CA LEU C 251 0.23 24.90 -38.28
C LEU C 251 1.73 25.09 -38.63
N ASN C 252 2.07 25.10 -39.90
CA ASN C 252 3.46 25.18 -40.31
C ASN C 252 4.07 26.50 -39.89
N TRP C 253 3.28 27.57 -40.03
CA TRP C 253 3.67 28.89 -39.62
C TRP C 253 3.89 28.96 -38.10
N VAL C 254 2.93 28.45 -37.33
CA VAL C 254 3.04 28.49 -35.87
C VAL C 254 4.32 27.71 -35.46
N ASN C 255 4.58 26.57 -36.12
CA ASN C 255 5.78 25.77 -35.87
C ASN C 255 7.08 26.54 -36.03
N GLY C 256 7.20 27.26 -37.17
CA GLY C 256 8.33 28.14 -37.44
C GLY C 256 8.47 29.20 -36.33
N GLU C 257 7.36 29.79 -35.92
CA GLU C 257 7.35 30.81 -34.87
C GLU C 257 7.86 30.30 -33.55
N ILE C 258 7.34 29.15 -33.12
CA ILE C 258 7.70 28.59 -31.83
C ILE C 258 9.19 28.29 -31.80
N ALA C 259 9.69 27.78 -32.93
CA ALA C 259 11.09 27.37 -33.05
C ALA C 259 11.94 28.61 -32.95
N ALA C 260 11.55 29.66 -33.68
CA ALA C 260 12.28 30.91 -33.66
C ALA C 260 12.26 31.53 -32.25
N MET C 261 11.13 31.43 -31.54
CA MET C 261 10.99 32.03 -30.20
C MET C 261 11.86 31.31 -29.18
N LYS C 262 12.08 30.03 -29.41
CA LYS C 262 13.00 29.28 -28.57
C LYS C 262 14.45 29.70 -28.80
N LYS C 263 14.83 29.95 -30.06
CA LYS C 263 16.20 30.32 -30.38
C LYS C 263 16.53 31.78 -30.02
N ASP C 264 15.57 32.71 -30.12
CA ASP C 264 15.88 34.16 -30.08
C ASP C 264 15.64 34.81 -28.71
N GLY C 265 15.20 34.02 -27.74
CA GLY C 265 14.97 34.57 -26.44
C GLY C 265 13.55 35.03 -26.11
N ARG C 266 12.62 35.02 -27.08
CA ARG C 266 11.24 35.49 -26.79
C ARG C 266 10.52 34.59 -25.78
N LEU C 267 10.67 33.27 -25.92
CA LEU C 267 10.08 32.32 -24.95
C LEU C 267 10.67 32.49 -23.54
N LYS C 268 11.98 32.57 -23.44
CA LYS C 268 12.64 32.86 -22.17
C LYS C 268 12.17 34.20 -21.60
N ALA C 269 12.06 35.24 -22.45
CA ALA C 269 11.51 36.53 -21.99
C ALA C 269 10.10 36.39 -21.37
N ALA C 270 9.21 35.71 -22.08
CA ALA C 270 7.87 35.44 -21.61
C ALA C 270 7.86 34.73 -20.21
N TYR C 271 8.74 33.74 -20.01
CA TYR C 271 8.86 33.05 -18.75
C TYR C 271 9.29 34.03 -17.65
N GLU C 272 10.33 34.84 -17.92
CA GLU C 272 10.84 35.77 -16.92
C GLU C 272 9.79 36.82 -16.56
N LYS C 273 8.94 37.20 -17.51
CA LYS C 273 7.91 38.19 -17.25
C LYS C 273 6.77 37.63 -16.38
N THR C 274 6.35 36.40 -16.64
CA THR C 274 5.08 35.91 -16.08
C THR C 274 5.22 34.73 -15.12
N LEU C 275 6.30 33.95 -15.28
CA LEU C 275 6.45 32.74 -14.47
C LEU C 275 7.48 32.89 -13.35
N LEU C 276 8.66 33.41 -13.67
CA LEU C 276 9.70 33.69 -12.68
C LEU C 276 9.19 34.46 -11.44
N PRO C 277 8.39 35.51 -11.62
CA PRO C 277 8.01 36.18 -10.36
C PRO C 277 7.15 35.30 -9.49
N VAL C 278 6.50 34.30 -10.06
CA VAL C 278 5.69 33.38 -9.27
C VAL C 278 6.55 32.30 -8.63
N TYR C 279 7.34 31.55 -9.43
CA TYR C 279 8.07 30.40 -8.86
C TYR C 279 9.45 30.76 -8.26
N GLY C 280 10.04 31.91 -8.62
CA GLY C 280 11.42 32.24 -8.16
C GLY C 280 12.40 31.16 -8.62
N GLU C 281 13.35 30.84 -7.77
CA GLU C 281 14.37 29.80 -8.03
C GLU C 281 13.86 28.36 -7.71
N LYS C 282 12.68 28.28 -7.10
CA LYS C 282 11.97 27.03 -6.79
C LYS C 282 11.62 26.13 -7.98
N VAL C 283 11.49 26.73 -9.16
CA VAL C 283 11.32 25.97 -10.39
C VAL C 283 12.28 26.48 -11.47
N LYS C 284 13.24 25.65 -11.85
CA LYS C 284 14.18 25.97 -12.93
C LYS C 284 13.44 26.17 -14.25
N PRO C 285 13.85 27.15 -15.07
CA PRO C 285 13.21 27.35 -16.40
C PRO C 285 13.28 26.11 -17.31
N GLU C 286 14.34 25.30 -17.21
CA GLU C 286 14.41 24.05 -17.97
C GLU C 286 13.31 23.05 -17.55
N ALA C 287 12.78 23.21 -16.33
CA ALA C 287 11.71 22.33 -15.86
C ALA C 287 10.36 22.69 -16.48
N LEU C 288 10.16 23.94 -16.87
CA LEU C 288 8.90 24.35 -17.47
C LEU C 288 8.95 24.45 -18.97
N LEU C 289 10.02 25.03 -19.49
CA LEU C 289 10.11 25.34 -20.92
C LEU C 289 10.42 24.08 -21.71
N ALA C 290 9.69 23.91 -22.81
CA ALA C 290 9.98 22.88 -23.79
C ALA C 290 11.21 23.22 -24.60
N GLU C 291 12.01 22.20 -24.84
CA GLU C 291 13.17 22.30 -25.72
C GLU C 291 12.82 22.52 -27.25
N CYS D . -0.53 -9.43 27.30
CA CYS D . 0.63 -8.59 26.92
C CYS D . 0.14 -7.41 26.08
O CYS D . -1.09 -7.26 25.87
CB CYS D . 1.66 -9.37 26.12
SG CYS D . 1.02 -10.15 24.63
OXT CYS D . 0.98 -6.62 25.64
ZN ZN E . 16.12 1.19 35.39
ZN ZN F . 6.85 -30.90 27.34
ZN ZN G . 5.43 -7.67 11.45
ZN ZN H . 17.73 -19.31 14.83
ZN ZN I . -27.29 -5.59 5.66
ZN ZN J . 10.89 -9.95 11.51
C1 EDO K . 20.87 -22.94 22.61
O1 EDO K . 20.58 -21.65 23.23
C2 EDO K . 21.29 -23.93 23.71
O2 EDO K . 20.71 -23.64 25.00
C1 EDO L . 6.53 -19.13 20.57
O1 EDO L . 7.88 -19.59 20.38
C2 EDO L . 6.26 -19.04 22.07
O2 EDO L . 6.29 -20.36 22.67
C1 EDO M . 2.35 -0.57 31.04
O1 EDO M . 1.41 -0.97 32.05
C2 EDO M . 3.69 -1.08 31.55
O2 EDO M . 3.44 -2.42 31.98
N CYS N . 8.77 -13.18 -6.08
CA CYS N . 9.85 -12.65 -5.14
C CYS N . 10.38 -13.81 -4.30
O CYS N . 10.06 -14.97 -4.51
CB CYS N . 9.28 -11.57 -4.19
SG CYS N . 7.82 -12.25 -3.27
OXT CYS N . 11.14 -13.56 -3.38
C1 EDO O . 1.19 -3.41 0.08
O1 EDO O . 1.83 -4.31 0.96
C2 EDO O . 1.76 -3.82 -1.27
O2 EDO O . 0.90 -3.18 -2.20
C1 EDO P . 4.40 10.22 0.91
O1 EDO P . 4.80 11.51 0.44
C2 EDO P . 5.18 9.89 2.19
O2 EDO P . 4.27 10.16 3.26
N CYS Q . -3.43 21.86 -19.37
CA CYS Q . -4.45 20.94 -18.81
C CYS Q . -5.39 20.44 -19.90
O CYS Q . -5.14 20.72 -21.08
CB CYS Q . -5.26 21.69 -17.78
SG CYS Q . -6.00 23.29 -18.42
OXT CYS Q . -6.44 19.75 -19.64
ZN ZN R . -6.27 4.00 -8.36
ZN ZN S . -17.51 29.74 -1.87
C1 EDO T . 8.05 23.64 -5.56
O1 EDO T . 7.18 24.78 -5.60
C2 EDO T . 8.34 23.15 -6.98
O2 EDO T . 8.75 21.78 -6.98
#